data_5EJ2
#
_entry.id   5EJ2
#
_cell.length_a   60.820
_cell.length_b   132.210
_cell.length_c   155.050
_cell.angle_alpha   90.000
_cell.angle_beta   90.000
_cell.angle_gamma   90.000
#
_symmetry.space_group_name_H-M   'P 2 2 21'
#
loop_
_entity.id
_entity.type
_entity.pdbx_description
1 polymer 'Carveol dehydrogenase'
2 non-polymer NICOTINAMIDE-ADENINE-DINUCLEOTIDE
3 non-polymer 'PHOSPHATE ION'
4 non-polymer (4S)-2-METHYL-2,4-PENTANEDIOL
5 water water
#
_entity_poly.entity_id   1
_entity_poly.type   'polypeptide(L)'
_entity_poly.pdbx_seq_one_letter_code
;MAHHHHHHMGTLEAQTQGPGSMVYAGAGAVMTGRVAGKVAFISGAARGQGRSHAVRLAQEGADIIAIDICGPIENLAYPH
STPEDLAETADLVKDLDRRIVTAQVDVRDFEALKSAVDSGVEQLGRLDIIVANAGVGTDGRKLHKIRDNVWQDMIDINLT
GVWHTVKAGVPHVLSGGRGGSIVLTSSVGGRKAYPNTGHYIAAKHGVIGLMRAFAVELGPHMIRVNAVLPTQVSTTMVMN
DQTFRLFRPDLENPGPDDFAPISQMMHTLPVPWVDASDISNAVLFLASDESRYVTGVSLPVDAGSLLK
;
_entity_poly.pdbx_strand_id   A,B,C,D
#
# COMPACT_ATOMS: atom_id res chain seq x y z
N THR A 32 28.35 42.26 10.56
CA THR A 32 29.00 42.86 9.40
C THR A 32 28.71 42.05 8.11
N GLY A 33 28.99 40.75 8.13
CA GLY A 33 28.71 39.92 6.98
C GLY A 33 27.22 39.79 6.72
N ARG A 34 26.86 39.60 5.45
CA ARG A 34 25.45 39.57 5.05
C ARG A 34 24.72 38.31 5.50
N VAL A 35 25.43 37.26 5.93
CA VAL A 35 24.77 36.14 6.60
C VAL A 35 25.50 35.82 7.91
N ALA A 36 25.89 36.85 8.64
CA ALA A 36 26.62 36.64 9.89
C ALA A 36 25.78 35.82 10.87
N GLY A 37 26.45 34.91 11.58
CA GLY A 37 25.78 34.07 12.56
C GLY A 37 24.97 32.91 12.02
N LYS A 38 24.84 32.76 10.70
CA LYS A 38 24.03 31.71 10.11
C LYS A 38 24.87 30.45 9.84
N VAL A 39 24.19 29.34 9.58
CA VAL A 39 24.80 28.10 9.13
C VAL A 39 24.14 27.67 7.82
N ALA A 40 24.96 27.29 6.83
CA ALA A 40 24.49 26.93 5.50
C ALA A 40 24.88 25.48 5.17
N PHE A 41 23.92 24.70 4.69
CA PHE A 41 24.13 23.34 4.21
C PHE A 41 24.15 23.36 2.68
N ILE A 42 25.26 22.90 2.09
CA ILE A 42 25.45 22.98 0.64
C ILE A 42 25.77 21.59 0.08
N SER A 43 24.94 21.11 -0.84
CA SER A 43 25.25 19.86 -1.51
C SER A 43 26.06 20.10 -2.78
N GLY A 44 26.91 19.12 -3.13
CA GLY A 44 27.79 19.29 -4.26
C GLY A 44 28.89 20.31 -4.04
N ALA A 45 29.43 20.41 -2.83
CA ALA A 45 30.33 21.50 -2.49
C ALA A 45 31.80 21.21 -2.78
N ALA A 46 32.10 20.10 -3.45
CA ALA A 46 33.51 19.75 -3.67
C ALA A 46 34.19 20.72 -4.63
N ARG A 47 33.46 21.34 -5.55
CA ARG A 47 34.07 22.14 -6.60
C ARG A 47 32.96 22.96 -7.25
N GLY A 48 33.34 23.74 -8.27
CA GLY A 48 32.33 24.38 -9.11
C GLY A 48 31.48 25.37 -8.33
N GLN A 49 30.20 25.43 -8.69
CA GLN A 49 29.30 26.39 -8.05
C GLN A 49 29.16 26.14 -6.56
N GLY A 50 29.06 24.87 -6.16
CA GLY A 50 28.85 24.57 -4.75
C GLY A 50 30.02 24.98 -3.87
N ARG A 51 31.26 24.76 -4.33
CA ARG A 51 32.41 25.31 -3.62
C ARG A 51 32.33 26.82 -3.57
N SER A 52 31.95 27.45 -4.67
CA SER A 52 31.83 28.90 -4.73
C SER A 52 30.75 29.41 -3.78
N HIS A 53 29.64 28.67 -3.64
CA HIS A 53 28.63 29.07 -2.65
C HIS A 53 29.20 28.98 -1.24
N ALA A 54 29.95 27.92 -0.95
CA ALA A 54 30.53 27.74 0.38
C ALA A 54 31.46 28.89 0.72
N VAL A 55 32.36 29.25 -0.19
CA VAL A 55 33.31 30.33 0.05
C VAL A 55 32.57 31.66 0.20
N ARG A 56 31.65 31.94 -0.72
CA ARG A 56 30.95 33.22 -0.69
C ARG A 56 30.12 33.39 0.58
N LEU A 57 29.38 32.35 0.99
CA LEU A 57 28.59 32.47 2.20
C LEU A 57 29.50 32.58 3.42
N ALA A 58 30.65 31.91 3.37
CA ALA A 58 31.61 31.99 4.48
C ALA A 58 32.24 33.38 4.56
N GLN A 59 32.58 33.97 3.40
CA GLN A 59 33.04 35.35 3.35
C GLN A 59 32.08 36.29 4.08
N GLU A 60 30.78 36.00 3.98
CA GLU A 60 29.74 36.86 4.53
C GLU A 60 29.25 36.39 5.89
N GLY A 61 29.97 35.44 6.51
CA GLY A 61 29.80 35.17 7.93
C GLY A 61 29.25 33.81 8.30
N ALA A 62 28.87 32.98 7.33
CA ALA A 62 28.18 31.73 7.60
C ALA A 62 29.15 30.59 7.82
N ASP A 63 28.83 29.72 8.78
CA ASP A 63 29.49 28.42 8.87
C ASP A 63 28.81 27.43 7.92
N ILE A 64 29.54 26.38 7.56
CA ILE A 64 29.19 25.58 6.39
C ILE A 64 29.15 24.10 6.76
N ILE A 65 28.09 23.41 6.28
CA ILE A 65 28.07 21.95 6.17
C ILE A 65 28.16 21.63 4.68
N ALA A 66 29.24 20.99 4.27
CA ALA A 66 29.53 20.78 2.86
C ALA A 66 29.59 19.28 2.58
N ILE A 67 28.76 18.81 1.65
CA ILE A 67 28.79 17.39 1.28
C ILE A 67 28.94 17.26 -0.22
N ASP A 68 29.54 16.15 -0.64
CA ASP A 68 29.71 15.83 -2.06
C ASP A 68 29.98 14.34 -2.15
N ILE A 69 29.65 13.75 -3.30
CA ILE A 69 29.89 12.32 -3.46
C ILE A 69 31.39 12.05 -3.57
N CYS A 70 32.14 13.02 -4.09
CA CYS A 70 33.61 12.91 -4.17
C CYS A 70 34.06 11.63 -4.87
N GLY A 71 33.28 11.15 -5.85
CA GLY A 71 33.64 9.94 -6.55
C GLY A 71 32.95 9.79 -7.89
N PRO A 72 33.19 8.64 -8.56
CA PRO A 72 32.63 8.43 -9.89
C PRO A 72 31.10 8.38 -9.88
N ILE A 73 30.53 8.73 -11.05
CA ILE A 73 29.10 8.70 -11.30
C ILE A 73 28.89 8.03 -12.66
N GLU A 74 27.91 7.12 -12.72
CA GLU A 74 27.66 6.37 -13.95
C GLU A 74 27.42 7.31 -15.14
N ASN A 75 28.14 7.06 -16.23
CA ASN A 75 27.95 7.75 -17.51
C ASN A 75 28.28 9.24 -17.44
N LEU A 76 29.00 9.68 -16.41
CA LEU A 76 29.39 11.08 -16.31
C LEU A 76 30.21 11.51 -17.52
N ALA A 77 29.81 12.61 -18.15
CA ALA A 77 30.39 13.06 -19.41
C ALA A 77 31.68 13.88 -19.23
N TYR A 78 32.26 13.89 -18.03
CA TYR A 78 33.38 14.76 -17.71
C TYR A 78 34.00 14.23 -16.42
N PRO A 79 35.18 14.72 -16.02
CA PRO A 79 35.81 14.19 -14.80
C PRO A 79 34.95 14.39 -13.57
N HIS A 80 34.89 13.34 -12.73
CA HIS A 80 34.19 13.41 -11.46
C HIS A 80 35.03 14.13 -10.41
N SER A 81 34.39 14.46 -9.29
CA SER A 81 35.10 15.10 -8.19
C SER A 81 35.84 14.07 -7.34
N THR A 82 36.73 14.56 -6.48
CA THR A 82 37.59 13.74 -5.63
C THR A 82 37.44 14.16 -4.17
N PRO A 83 37.91 13.33 -3.23
CA PRO A 83 37.99 13.78 -1.83
C PRO A 83 38.91 14.98 -1.64
N GLU A 84 39.98 15.08 -2.44
CA GLU A 84 40.86 16.23 -2.34
C GLU A 84 40.16 17.53 -2.76
N ASP A 85 39.21 17.46 -3.70
CA ASP A 85 38.40 18.64 -4.03
C ASP A 85 37.69 19.16 -2.79
N LEU A 86 36.97 18.29 -2.07
CA LEU A 86 36.19 18.74 -0.93
C LEU A 86 37.10 19.25 0.19
N ALA A 87 38.23 18.58 0.41
CA ALA A 87 39.20 19.10 1.38
C ALA A 87 39.70 20.48 0.99
N GLU A 88 39.81 20.78 -0.31
CA GLU A 88 40.21 22.11 -0.73
C GLU A 88 39.11 23.14 -0.45
N THR A 89 37.84 22.78 -0.67
CA THR A 89 36.76 23.67 -0.27
C THR A 89 36.85 23.97 1.23
N ALA A 90 37.12 22.94 2.04
CA ALA A 90 37.23 23.12 3.47
C ALA A 90 38.37 24.09 3.84
N ASP A 91 39.54 23.94 3.21
CA ASP A 91 40.66 24.86 3.49
C ASP A 91 40.29 26.29 3.16
N LEU A 92 39.62 26.50 2.03
CA LEU A 92 39.21 27.85 1.66
C LEU A 92 38.29 28.45 2.71
N VAL A 93 37.33 27.67 3.20
CA VAL A 93 36.43 28.18 4.24
C VAL A 93 37.18 28.41 5.54
N LYS A 94 38.04 27.47 5.93
CA LYS A 94 38.81 27.66 7.16
C LYS A 94 39.71 28.89 7.07
N ASP A 95 40.25 29.18 5.87
CA ASP A 95 41.07 30.39 5.72
C ASP A 95 40.30 31.66 6.05
N LEU A 96 38.98 31.63 5.94
CA LEU A 96 38.18 32.80 6.31
C LEU A 96 37.81 32.79 7.79
N ASP A 97 38.44 31.92 8.59
CA ASP A 97 38.16 31.81 10.02
C ASP A 97 36.69 31.45 10.27
N ARG A 98 36.14 30.63 9.37
CA ARG A 98 34.82 30.06 9.53
C ARG A 98 34.93 28.56 9.77
N ARG A 99 33.90 28.00 10.39
CA ARG A 99 33.82 26.57 10.65
C ARG A 99 33.23 25.86 9.45
N ILE A 100 33.65 24.62 9.21
CA ILE A 100 33.06 23.83 8.15
C ILE A 100 33.06 22.36 8.56
N VAL A 101 31.93 21.69 8.34
CA VAL A 101 31.81 20.24 8.44
C VAL A 101 31.70 19.69 7.03
N THR A 102 32.52 18.70 6.70
CA THR A 102 32.44 18.04 5.41
C THR A 102 32.01 16.58 5.58
N ALA A 103 31.34 16.05 4.57
CA ALA A 103 31.08 14.61 4.55
C ALA A 103 31.04 14.17 3.09
N GLN A 104 31.60 13.00 2.84
CA GLN A 104 31.50 12.34 1.53
C GLN A 104 30.24 11.49 1.55
N VAL A 105 29.22 11.90 0.80
CA VAL A 105 27.94 11.20 0.82
C VAL A 105 27.23 11.49 -0.49
N ASP A 106 26.47 10.50 -0.96
CA ASP A 106 25.68 10.58 -2.18
C ASP A 106 24.27 11.05 -1.83
N VAL A 107 23.80 12.12 -2.49
CA VAL A 107 22.46 12.64 -2.18
C VAL A 107 21.36 11.63 -2.50
N ARG A 108 21.66 10.56 -3.23
CA ARG A 108 20.66 9.52 -3.45
C ARG A 108 20.46 8.63 -2.24
N ASP A 109 21.39 8.65 -1.28
CA ASP A 109 21.33 7.84 -0.06
C ASP A 109 20.77 8.73 1.06
N PHE A 110 19.44 8.69 1.24
CA PHE A 110 18.84 9.63 2.18
C PHE A 110 19.32 9.39 3.61
N GLU A 111 19.39 8.12 4.03
CA GLU A 111 19.75 7.85 5.41
C GLU A 111 21.17 8.32 5.71
N ALA A 112 22.10 8.11 4.79
CA ALA A 112 23.46 8.60 5.01
C ALA A 112 23.52 10.12 4.95
N LEU A 113 22.73 10.72 4.06
CA LEU A 113 22.69 12.18 3.96
C LEU A 113 22.09 12.79 5.22
N LYS A 114 20.95 12.25 5.66
CA LYS A 114 20.38 12.70 6.94
C LYS A 114 21.39 12.57 8.07
N SER A 115 22.11 11.44 8.11
CA SER A 115 23.08 11.25 9.20
C SER A 115 24.18 12.31 9.16
N ALA A 116 24.70 12.62 7.98
CA ALA A 116 25.74 13.63 7.87
C ALA A 116 25.22 15.01 8.24
N VAL A 117 24.00 15.35 7.80
CA VAL A 117 23.43 16.65 8.16
C VAL A 117 23.17 16.73 9.67
N ASP A 118 22.59 15.67 10.23
CA ASP A 118 22.31 15.67 11.67
C ASP A 118 23.58 15.93 12.46
N SER A 119 24.67 15.22 12.12
CA SER A 119 25.93 15.40 12.82
CA SER A 119 25.93 15.40 12.83
C SER A 119 26.49 16.80 12.63
N GLY A 120 26.35 17.36 11.43
CA GLY A 120 26.87 18.70 11.21
C GLY A 120 26.11 19.76 11.98
N VAL A 121 24.79 19.62 12.07
CA VAL A 121 23.99 20.57 12.85
C VAL A 121 24.25 20.40 14.35
N GLU A 122 24.49 19.16 14.80
CA GLU A 122 24.84 18.96 16.20
C GLU A 122 26.11 19.70 16.55
N GLN A 123 27.07 19.75 15.62
CA GLN A 123 28.32 20.46 15.86
C GLN A 123 28.15 21.98 15.72
N LEU A 124 27.49 22.44 14.66
CA LEU A 124 27.43 23.88 14.42
C LEU A 124 26.28 24.57 15.12
N GLY A 125 25.29 23.82 15.62
CA GLY A 125 24.32 24.35 16.56
C GLY A 125 23.02 24.87 15.98
N ARG A 126 22.88 24.92 14.66
CA ARG A 126 21.70 25.50 14.02
C ARG A 126 21.83 25.24 12.53
N LEU A 127 20.73 25.43 11.80
CA LEU A 127 20.74 25.38 10.35
C LEU A 127 19.77 26.42 9.82
N ASP A 128 20.27 27.34 8.99
CA ASP A 128 19.46 28.43 8.48
C ASP A 128 19.27 28.39 6.96
N ILE A 129 20.27 27.93 6.21
CA ILE A 129 20.28 28.07 4.75
C ILE A 129 20.55 26.70 4.14
N ILE A 130 19.81 26.36 3.09
CA ILE A 130 20.03 25.11 2.37
C ILE A 130 20.19 25.44 0.89
N VAL A 131 21.30 24.98 0.30
CA VAL A 131 21.55 25.18 -1.12
C VAL A 131 21.65 23.80 -1.76
N ALA A 132 20.60 23.40 -2.51
CA ALA A 132 20.55 22.09 -3.15
C ALA A 132 21.18 22.21 -4.54
N ASN A 133 22.51 22.12 -4.56
CA ASN A 133 23.31 22.43 -5.73
C ASN A 133 23.87 21.20 -6.45
N ALA A 134 24.03 20.06 -5.77
CA ALA A 134 24.60 18.87 -6.43
C ALA A 134 23.76 18.49 -7.64
N GLY A 135 24.45 18.20 -8.75
CA GLY A 135 23.77 17.74 -9.95
C GLY A 135 24.78 17.27 -10.98
N VAL A 136 24.26 16.64 -12.03
CA VAL A 136 25.08 16.10 -13.10
C VAL A 136 24.51 16.49 -14.45
N GLY A 137 25.36 16.44 -15.47
CA GLY A 137 24.94 16.32 -16.85
C GLY A 137 25.44 15.00 -17.41
N THR A 138 24.57 14.18 -17.96
CA THR A 138 25.01 12.92 -18.58
C THR A 138 24.45 12.78 -19.99
N ASP A 139 25.13 11.95 -20.78
CA ASP A 139 24.58 11.38 -22.01
C ASP A 139 24.25 12.52 -22.98
N GLY A 140 23.02 12.60 -23.49
CA GLY A 140 22.70 13.47 -24.61
C GLY A 140 22.30 12.72 -25.87
N ARG A 141 21.10 12.13 -25.86
CA ARG A 141 20.46 11.51 -27.02
C ARG A 141 19.08 12.13 -27.20
N LYS A 142 18.46 11.88 -28.35
CA LYS A 142 17.04 12.14 -28.51
C LYS A 142 16.25 11.49 -27.37
N LEU A 143 15.21 12.19 -26.91
CA LEU A 143 14.53 11.78 -25.68
C LEU A 143 13.91 10.40 -25.81
N HIS A 144 13.40 10.06 -26.98
CA HIS A 144 12.85 8.71 -27.12
C HIS A 144 13.92 7.64 -27.29
N LYS A 145 15.20 8.02 -27.32
CA LYS A 145 16.29 7.03 -27.39
C LYS A 145 17.13 6.95 -26.13
N ILE A 146 16.89 7.81 -25.14
CA ILE A 146 17.64 7.72 -23.90
C ILE A 146 17.30 6.40 -23.21
N ARG A 147 18.34 5.73 -22.69
CA ARG A 147 18.13 4.44 -22.04
C ARG A 147 17.54 4.60 -20.64
N ASP A 148 16.85 3.56 -20.19
CA ASP A 148 16.10 3.63 -18.93
C ASP A 148 16.99 4.00 -17.75
N ASN A 149 18.17 3.36 -17.65
CA ASN A 149 19.03 3.62 -16.50
C ASN A 149 19.67 5.00 -16.57
N VAL A 150 19.89 5.52 -17.78
CA VAL A 150 20.43 6.87 -17.93
C VAL A 150 19.38 7.90 -17.54
N TRP A 151 18.14 7.70 -17.99
CA TRP A 151 17.02 8.52 -17.50
C TRP A 151 16.91 8.45 -15.98
N GLN A 152 16.98 7.23 -15.43
CA GLN A 152 16.73 7.03 -13.99
C GLN A 152 17.84 7.65 -13.14
N ASP A 153 19.11 7.48 -13.52
CA ASP A 153 20.17 8.14 -12.75
C ASP A 153 20.00 9.66 -12.76
N MET A 154 19.58 10.21 -13.91
CA MET A 154 19.35 11.66 -14.01
C MET A 154 18.24 12.10 -13.05
N ILE A 155 17.14 11.37 -13.05
CA ILE A 155 16.04 11.68 -12.14
C ILE A 155 16.48 11.50 -10.68
N ASP A 156 17.22 10.43 -10.39
CA ASP A 156 17.64 10.15 -9.02
C ASP A 156 18.49 11.28 -8.43
N ILE A 157 19.46 11.76 -9.20
CA ILE A 157 20.38 12.78 -8.68
C ILE A 157 19.75 14.16 -8.75
N ASN A 158 19.30 14.58 -9.93
CA ASN A 158 18.95 15.98 -10.16
C ASN A 158 17.54 16.35 -9.68
N LEU A 159 16.68 15.36 -9.43
CA LEU A 159 15.34 15.64 -8.92
C LEU A 159 15.16 15.03 -7.53
N THR A 160 15.19 13.69 -7.40
CA THR A 160 15.03 13.07 -6.10
C THR A 160 16.15 13.46 -5.14
N GLY A 161 17.38 13.60 -5.65
CA GLY A 161 18.47 14.01 -4.77
C GLY A 161 18.28 15.42 -4.22
N VAL A 162 17.65 16.30 -4.99
CA VAL A 162 17.32 17.62 -4.48
C VAL A 162 16.28 17.52 -3.36
N TRP A 163 15.21 16.74 -3.59
CA TRP A 163 14.23 16.49 -2.56
C TRP A 163 14.89 15.94 -1.29
N HIS A 164 15.72 14.89 -1.43
CA HIS A 164 16.48 14.32 -0.30
C HIS A 164 17.24 15.39 0.48
N THR A 165 17.91 16.29 -0.25
CA THR A 165 18.72 17.33 0.38
C THR A 165 17.87 18.25 1.23
N VAL A 166 16.79 18.78 0.66
CA VAL A 166 15.90 19.65 1.43
C VAL A 166 15.30 18.90 2.61
N LYS A 167 14.84 17.66 2.36
CA LYS A 167 14.21 16.86 3.40
C LYS A 167 15.16 16.62 4.57
N ALA A 168 16.44 16.39 4.26
CA ALA A 168 17.42 16.17 5.32
C ALA A 168 17.62 17.42 6.18
N GLY A 169 17.64 18.60 5.57
CA GLY A 169 17.97 19.79 6.34
C GLY A 169 16.80 20.47 7.03
N VAL A 170 15.62 20.40 6.43
CA VAL A 170 14.50 21.25 6.86
C VAL A 170 14.03 21.01 8.30
N PRO A 171 14.06 19.79 8.86
CA PRO A 171 13.65 19.67 10.28
C PRO A 171 14.48 20.53 11.22
N HIS A 172 15.76 20.74 10.89
CA HIS A 172 16.64 21.60 11.70
C HIS A 172 16.33 23.08 11.52
N VAL A 173 15.93 23.50 10.32
CA VAL A 173 15.52 24.90 10.15
C VAL A 173 14.23 25.14 10.94
N LEU A 174 13.26 24.22 10.81
CA LEU A 174 12.01 24.32 11.55
C LEU A 174 12.24 24.33 13.06
N SER A 175 13.10 23.44 13.57
CA SER A 175 13.23 23.36 15.03
C SER A 175 13.99 24.55 15.59
N GLY A 176 14.88 25.16 14.81
CA GLY A 176 15.52 26.39 15.26
C GLY A 176 14.53 27.53 15.48
N GLY A 177 13.47 27.59 14.70
CA GLY A 177 12.43 28.56 14.97
C GLY A 177 12.78 29.98 14.61
N ARG A 178 13.77 30.18 13.73
CA ARG A 178 14.24 31.51 13.35
C ARG A 178 14.00 31.81 11.88
N GLY A 179 13.14 31.04 11.21
CA GLY A 179 13.01 31.17 9.78
C GLY A 179 14.26 30.62 9.10
N GLY A 180 14.31 30.80 7.79
CA GLY A 180 15.42 30.28 7.01
C GLY A 180 15.20 30.55 5.53
N SER A 181 16.20 30.15 4.74
CA SER A 181 16.15 30.40 3.30
C SER A 181 16.74 29.18 2.57
N ILE A 182 16.00 28.65 1.61
CA ILE A 182 16.34 27.43 0.89
C ILE A 182 16.46 27.78 -0.59
N VAL A 183 17.58 27.41 -1.21
CA VAL A 183 17.81 27.70 -2.63
C VAL A 183 18.05 26.39 -3.37
N LEU A 184 17.25 26.13 -4.40
CA LEU A 184 17.43 24.94 -5.24
C LEU A 184 18.05 25.37 -6.56
N THR A 185 19.08 24.63 -7.01
CA THR A 185 19.68 24.90 -8.30
C THR A 185 18.91 24.16 -9.38
N SER A 186 18.14 24.91 -10.18
CA SER A 186 17.49 24.33 -11.35
C SER A 186 18.40 24.62 -12.54
N SER A 187 17.87 25.27 -13.58
CA SER A 187 18.60 25.55 -14.81
C SER A 187 17.70 26.38 -15.72
N VAL A 188 18.30 27.02 -16.73
CA VAL A 188 17.50 27.47 -17.87
C VAL A 188 16.65 26.30 -18.38
N GLY A 189 17.21 25.09 -18.38
CA GLY A 189 16.51 23.87 -18.74
C GLY A 189 15.36 23.48 -17.80
N GLY A 190 15.14 24.22 -16.72
CA GLY A 190 13.96 24.03 -15.91
C GLY A 190 12.75 24.82 -16.38
N ARG A 191 12.93 25.65 -17.42
CA ARG A 191 11.85 26.45 -18.00
C ARG A 191 11.76 26.28 -19.51
N LYS A 192 12.86 25.92 -20.17
CA LYS A 192 12.76 25.63 -21.59
C LYS A 192 13.68 24.47 -21.96
N ALA A 193 13.40 23.89 -23.12
CA ALA A 193 14.07 22.70 -23.60
C ALA A 193 15.07 23.05 -24.69
N TYR A 194 16.21 22.41 -24.63
CA TYR A 194 17.14 22.30 -25.73
C TYR A 194 17.20 20.84 -26.19
N PRO A 195 17.45 20.60 -27.48
CA PRO A 195 17.44 19.23 -27.98
C PRO A 195 18.53 18.38 -27.33
N ASN A 196 18.19 17.10 -27.15
CA ASN A 196 19.11 16.04 -26.73
C ASN A 196 19.48 16.12 -25.25
N THR A 197 18.67 16.82 -24.44
CA THR A 197 18.93 16.92 -23.00
C THR A 197 17.66 16.64 -22.19
N GLY A 198 16.75 15.83 -22.73
CA GLY A 198 15.38 15.82 -22.24
C GLY A 198 15.21 15.21 -20.85
N HIS A 199 16.09 14.28 -20.46
CA HIS A 199 16.03 13.76 -19.09
C HIS A 199 16.47 14.83 -18.09
N TYR A 200 17.53 15.57 -18.42
CA TYR A 200 17.92 16.74 -17.65
C TYR A 200 16.81 17.81 -17.62
N ILE A 201 16.15 18.05 -18.76
CA ILE A 201 15.06 19.01 -18.82
C ILE A 201 13.93 18.61 -17.87
N ALA A 202 13.52 17.33 -17.92
CA ALA A 202 12.44 16.87 -17.07
C ALA A 202 12.80 16.98 -15.60
N ALA A 203 14.04 16.63 -15.24
CA ALA A 203 14.45 16.73 -13.83
C ALA A 203 14.44 18.18 -13.35
N LYS A 204 15.02 19.10 -14.14
CA LYS A 204 15.15 20.50 -13.73
C LYS A 204 13.81 21.22 -13.67
N HIS A 205 12.86 20.85 -14.54
CA HIS A 205 11.47 21.30 -14.38
C HIS A 205 10.89 20.80 -13.06
N GLY A 206 11.14 19.53 -12.73
CA GLY A 206 10.65 19.00 -11.47
C GLY A 206 11.24 19.72 -10.27
N VAL A 207 12.45 20.27 -10.41
CA VAL A 207 13.05 21.08 -9.34
C VAL A 207 12.22 22.34 -9.11
N ILE A 208 11.72 22.95 -10.18
CA ILE A 208 10.86 24.14 -10.03
C ILE A 208 9.62 23.76 -9.23
N GLY A 209 9.02 22.59 -9.51
CA GLY A 209 7.87 22.14 -8.75
C GLY A 209 8.19 21.89 -7.28
N LEU A 210 9.36 21.33 -7.00
CA LEU A 210 9.82 21.18 -5.61
C LEU A 210 9.96 22.54 -4.93
N MET A 211 10.49 23.53 -5.65
CA MET A 211 10.65 24.85 -5.05
C MET A 211 9.29 25.44 -4.68
N ARG A 212 8.30 25.32 -5.56
CA ARG A 212 6.98 25.89 -5.29
C ARG A 212 6.28 25.15 -4.17
N ALA A 213 6.38 23.81 -4.15
CA ALA A 213 5.73 23.01 -3.11
C ALA A 213 6.31 23.31 -1.74
N PHE A 214 7.66 23.26 -1.62
CA PHE A 214 8.30 23.64 -0.36
C PHE A 214 7.99 25.09 0.01
N ALA A 215 7.96 25.99 -0.98
CA ALA A 215 7.69 27.40 -0.65
C ALA A 215 6.31 27.56 -0.02
N VAL A 216 5.30 26.90 -0.60
CA VAL A 216 3.93 27.00 -0.09
C VAL A 216 3.85 26.40 1.31
N GLU A 217 4.50 25.24 1.53
CA GLU A 217 4.38 24.53 2.79
C GLU A 217 5.22 25.16 3.90
N LEU A 218 6.38 25.72 3.58
CA LEU A 218 7.27 26.27 4.60
C LEU A 218 7.11 27.77 4.81
N GLY A 219 6.41 28.46 3.93
CA GLY A 219 6.13 29.87 4.09
C GLY A 219 5.55 30.27 5.44
N PRO A 220 4.51 29.56 5.90
CA PRO A 220 3.94 29.88 7.22
C PRO A 220 4.94 29.85 8.36
N HIS A 221 6.10 29.20 8.21
CA HIS A 221 7.14 29.22 9.23
C HIS A 221 8.25 30.22 8.92
N MET A 222 7.97 31.20 8.04
CA MET A 222 8.96 32.18 7.59
C MET A 222 10.20 31.52 6.99
N ILE A 223 10.03 30.39 6.31
CA ILE A 223 11.11 29.77 5.56
C ILE A 223 10.87 30.05 4.08
N ARG A 224 11.82 30.76 3.46
CA ARG A 224 11.74 31.08 2.05
C ARG A 224 12.36 29.96 1.21
N VAL A 225 11.77 29.71 0.05
CA VAL A 225 12.25 28.70 -0.89
C VAL A 225 12.23 29.30 -2.28
N ASN A 226 13.40 29.33 -2.93
CA ASN A 226 13.57 29.90 -4.25
C ASN A 226 14.49 29.02 -5.07
N ALA A 227 14.50 29.25 -6.39
CA ALA A 227 15.36 28.54 -7.32
C ALA A 227 16.23 29.55 -8.08
N VAL A 228 17.46 29.14 -8.39
CA VAL A 228 18.35 29.85 -9.32
C VAL A 228 18.43 29.03 -10.60
N LEU A 229 18.37 29.70 -11.75
CA LEU A 229 18.34 29.03 -13.05
C LEU A 229 19.53 29.50 -13.88
N PRO A 230 20.66 28.82 -13.79
CA PRO A 230 21.83 29.26 -14.57
C PRO A 230 21.74 28.88 -16.03
N THR A 231 22.36 29.71 -16.88
CA THR A 231 22.77 29.29 -18.21
C THR A 231 24.10 28.54 -18.07
N GLN A 232 24.83 28.34 -19.17
CA GLN A 232 26.15 27.72 -19.08
C GLN A 232 27.03 28.46 -18.08
N VAL A 233 27.67 27.68 -17.20
CA VAL A 233 28.59 28.20 -16.19
C VAL A 233 29.95 27.58 -16.45
N SER A 234 31.02 28.35 -16.26
CA SER A 234 32.36 27.89 -16.60
C SER A 234 32.91 26.91 -15.55
N THR A 235 32.17 25.83 -15.34
CA THR A 235 32.61 24.73 -14.46
C THR A 235 32.99 23.52 -15.31
N THR A 236 33.45 22.47 -14.62
CA THR A 236 33.79 21.21 -15.27
C THR A 236 32.60 20.62 -16.02
N MET A 237 31.37 20.92 -15.57
CA MET A 237 30.19 20.35 -16.20
C MET A 237 30.02 20.84 -17.64
N VAL A 238 30.55 22.02 -17.95
CA VAL A 238 30.51 22.57 -19.29
C VAL A 238 31.86 22.51 -19.98
N MET A 239 32.95 22.76 -19.25
CA MET A 239 34.29 22.88 -19.85
C MET A 239 34.92 21.49 -19.94
N ASN A 240 34.47 20.72 -20.93
CA ASN A 240 34.94 19.35 -21.12
C ASN A 240 34.80 19.00 -22.60
N ASP A 241 35.54 17.95 -23.01
CA ASP A 241 35.61 17.61 -24.43
C ASP A 241 34.26 17.18 -24.98
N GLN A 242 33.51 16.36 -24.25
CA GLN A 242 32.19 15.94 -24.72
C GLN A 242 31.30 17.14 -25.04
N THR A 243 31.18 18.10 -24.10
CA THR A 243 30.34 19.27 -24.35
C THR A 243 30.84 20.07 -25.55
N PHE A 244 32.16 20.26 -25.66
CA PHE A 244 32.73 20.99 -26.79
C PHE A 244 32.36 20.32 -28.12
N ARG A 245 32.44 18.98 -28.17
CA ARG A 245 32.18 18.28 -29.42
C ARG A 245 30.71 18.32 -29.79
N LEU A 246 29.82 18.21 -28.80
CA LEU A 246 28.40 18.29 -29.08
C LEU A 246 28.00 19.65 -29.65
N PHE A 247 28.68 20.71 -29.22
CA PHE A 247 28.36 22.06 -29.70
C PHE A 247 29.03 22.38 -31.03
N ARG A 248 30.19 21.79 -31.31
CA ARG A 248 30.91 22.01 -32.56
C ARG A 248 31.22 20.68 -33.24
N PRO A 249 30.19 19.96 -33.71
CA PRO A 249 30.44 18.70 -34.44
C PRO A 249 31.33 18.88 -35.66
N ASP A 250 31.36 20.06 -36.27
CA ASP A 250 32.21 20.30 -37.42
C ASP A 250 33.70 20.14 -37.09
N LEU A 251 34.08 20.23 -35.82
CA LEU A 251 35.49 20.23 -35.45
C LEU A 251 35.94 18.84 -35.04
N GLU A 252 37.27 18.64 -35.05
CA GLU A 252 37.86 17.40 -34.57
C GLU A 252 38.26 17.53 -33.11
N ASN A 253 39.10 18.52 -32.80
CA ASN A 253 39.46 18.84 -31.41
C ASN A 253 38.91 20.21 -31.00
N PRO A 254 37.59 20.37 -30.89
CA PRO A 254 37.05 21.68 -30.48
C PRO A 254 37.42 22.03 -29.05
N GLY A 255 37.84 23.27 -28.85
CA GLY A 255 38.16 23.77 -27.53
C GLY A 255 37.19 24.84 -27.06
N PRO A 256 37.44 25.40 -25.86
CA PRO A 256 36.56 26.45 -25.35
C PRO A 256 36.41 27.63 -26.28
N ASP A 257 37.45 27.97 -27.04
CA ASP A 257 37.35 29.09 -27.98
C ASP A 257 36.35 28.79 -29.10
N ASP A 258 36.25 27.53 -29.53
CA ASP A 258 35.29 27.16 -30.57
C ASP A 258 33.88 26.99 -30.03
N PHE A 259 33.76 26.59 -28.76
CA PHE A 259 32.46 26.41 -28.12
C PHE A 259 31.81 27.76 -27.82
N ALA A 260 32.61 28.74 -27.40
CA ALA A 260 32.08 30.04 -26.97
C ALA A 260 31.12 30.70 -27.96
N PRO A 261 31.42 30.82 -29.26
CA PRO A 261 30.48 31.49 -30.16
C PRO A 261 29.11 30.83 -30.23
N ILE A 262 29.06 29.50 -30.16
CA ILE A 262 27.77 28.81 -30.20
C ILE A 262 26.99 29.09 -28.94
N SER A 263 27.64 28.89 -27.79
CA SER A 263 27.01 29.17 -26.50
C SER A 263 26.55 30.62 -26.41
N GLN A 264 27.37 31.56 -26.88
CA GLN A 264 27.00 32.97 -26.82
C GLN A 264 25.75 33.28 -27.64
N MET A 265 25.52 32.52 -28.72
CA MET A 265 24.31 32.71 -29.53
C MET A 265 23.05 32.39 -28.76
N MET A 266 23.14 31.67 -27.64
CA MET A 266 21.98 31.41 -26.80
C MET A 266 21.64 32.59 -25.88
N HIS A 267 22.49 33.59 -25.79
CA HIS A 267 22.35 34.64 -24.79
C HIS A 267 21.92 35.95 -25.40
N THR A 268 21.32 36.81 -24.56
CA THR A 268 21.02 38.17 -24.98
C THR A 268 22.20 39.11 -24.72
N LEU A 269 22.90 38.95 -23.58
CA LEU A 269 24.17 39.63 -23.35
C LEU A 269 25.28 38.92 -24.15
N PRO A 270 26.26 39.68 -24.72
CA PRO A 270 27.33 39.06 -25.52
C PRO A 270 28.41 38.39 -24.69
N VAL A 271 28.03 37.38 -23.92
CA VAL A 271 29.02 36.58 -23.19
C VAL A 271 28.74 35.11 -23.49
N PRO A 272 29.77 34.25 -23.48
CA PRO A 272 29.54 32.84 -23.83
C PRO A 272 29.05 31.99 -22.67
N TRP A 273 29.19 32.44 -21.44
CA TRP A 273 28.81 31.70 -20.25
C TRP A 273 28.91 32.66 -19.08
N VAL A 274 28.37 32.26 -17.93
CA VAL A 274 28.57 32.99 -16.69
C VAL A 274 29.56 32.21 -15.83
N ASP A 275 29.99 32.84 -14.75
CA ASP A 275 30.93 32.22 -13.82
C ASP A 275 30.21 31.73 -12.57
N ALA A 276 30.88 30.84 -11.84
CA ALA A 276 30.34 30.37 -10.58
C ALA A 276 30.04 31.53 -9.63
N SER A 277 30.90 32.54 -9.59
CA SER A 277 30.67 33.68 -8.71
C SER A 277 29.38 34.42 -9.04
N ASP A 278 28.94 34.39 -10.30
CA ASP A 278 27.65 34.97 -10.64
C ASP A 278 26.50 34.21 -9.98
N ILE A 279 26.60 32.88 -9.93
CA ILE A 279 25.55 32.12 -9.28
C ILE A 279 25.60 32.35 -7.77
N SER A 280 26.82 32.39 -7.21
CA SER A 280 26.99 32.60 -5.77
C SER A 280 26.41 33.94 -5.31
N ASN A 281 26.54 34.98 -6.14
CA ASN A 281 26.00 36.28 -5.80
C ASN A 281 24.47 36.26 -5.75
N ALA A 282 23.85 35.48 -6.64
CA ALA A 282 22.40 35.30 -6.58
C ALA A 282 22.00 34.49 -5.35
N VAL A 283 22.76 33.43 -5.05
CA VAL A 283 22.46 32.61 -3.87
C VAL A 283 22.61 33.43 -2.58
N LEU A 284 23.64 34.27 -2.51
CA LEU A 284 23.85 35.14 -1.35
C LEU A 284 22.70 36.12 -1.17
N PHE A 285 22.29 36.79 -2.25
CA PHE A 285 21.12 37.65 -2.16
C PHE A 285 19.93 36.88 -1.58
N LEU A 286 19.64 35.70 -2.13
CA LEU A 286 18.48 34.92 -1.67
C LEU A 286 18.67 34.40 -0.24
N ALA A 287 19.91 34.11 0.17
CA ALA A 287 20.17 33.58 1.51
C ALA A 287 20.10 34.64 2.57
N SER A 288 20.35 35.91 2.22
CA SER A 288 20.51 36.98 3.19
C SER A 288 19.18 37.65 3.53
N ASP A 289 19.18 38.38 4.64
CA ASP A 289 18.03 39.20 5.05
C ASP A 289 17.63 40.25 4.02
N GLU A 290 18.49 40.57 3.05
CA GLU A 290 18.09 41.50 2.00
C GLU A 290 17.00 40.93 1.09
N SER A 291 16.69 39.64 1.18
CA SER A 291 15.58 39.04 0.44
C SER A 291 14.57 38.41 1.40
N ARG A 292 14.45 38.98 2.61
CA ARG A 292 13.66 38.36 3.68
C ARG A 292 12.22 38.06 3.26
N TYR A 293 11.66 38.82 2.31
CA TYR A 293 10.28 38.59 1.88
C TYR A 293 10.19 38.04 0.45
N VAL A 294 11.29 37.52 -0.08
CA VAL A 294 11.33 36.95 -1.42
C VAL A 294 11.19 35.44 -1.29
N THR A 295 10.12 34.88 -1.84
CA THR A 295 9.93 33.43 -1.80
C THR A 295 9.10 33.01 -3.00
N GLY A 296 9.31 31.75 -3.41
CA GLY A 296 8.61 31.20 -4.55
C GLY A 296 9.12 31.66 -5.91
N VAL A 297 10.33 32.22 -5.97
CA VAL A 297 10.82 32.88 -7.17
C VAL A 297 11.76 31.96 -7.92
N SER A 298 11.63 31.90 -9.25
CA SER A 298 12.64 31.33 -10.15
C SER A 298 13.56 32.47 -10.61
N LEU A 299 14.80 32.49 -10.13
CA LEU A 299 15.68 33.59 -10.48
C LEU A 299 16.69 33.14 -11.52
N PRO A 300 16.53 33.51 -12.80
CA PRO A 300 17.54 33.10 -13.80
C PRO A 300 18.81 33.92 -13.65
N VAL A 301 19.94 33.25 -13.80
CA VAL A 301 21.22 33.93 -13.96
C VAL A 301 21.74 33.45 -15.29
N ASP A 302 21.19 34.02 -16.37
CA ASP A 302 21.17 33.32 -17.65
C ASP A 302 21.62 34.17 -18.82
N ALA A 303 22.18 35.36 -18.57
CA ALA A 303 22.62 36.26 -19.64
C ALA A 303 21.50 36.52 -20.66
N GLY A 304 20.25 36.41 -20.21
CA GLY A 304 19.11 36.63 -21.10
C GLY A 304 18.70 35.47 -21.98
N SER A 305 19.16 34.24 -21.68
CA SER A 305 18.73 33.05 -22.45
C SER A 305 17.22 32.96 -22.56
N LEU A 306 16.50 33.18 -21.46
CA LEU A 306 15.05 32.99 -21.42
C LEU A 306 14.29 34.12 -22.11
N LEU A 307 14.98 35.12 -22.66
CA LEU A 307 14.31 36.11 -23.51
C LEU A 307 14.17 35.62 -24.94
N LYS A 308 14.87 34.56 -25.33
CA LYS A 308 14.81 34.08 -26.71
C LYS A 308 13.42 33.54 -27.08
N THR B 32 -17.15 11.93 -41.38
CA THR B 32 -16.91 13.36 -41.20
C THR B 32 -16.27 13.66 -39.84
N GLY B 33 -15.68 12.64 -39.22
CA GLY B 33 -15.11 12.83 -37.90
C GLY B 33 -13.88 13.71 -37.91
N ARG B 34 -13.63 14.38 -36.78
CA ARG B 34 -12.51 15.31 -36.68
C ARG B 34 -11.16 14.61 -36.59
N VAL B 35 -11.13 13.30 -36.30
CA VAL B 35 -9.87 12.56 -36.43
C VAL B 35 -10.11 11.31 -37.29
N ALA B 36 -10.88 11.48 -38.36
CA ALA B 36 -11.17 10.36 -39.26
C ALA B 36 -9.88 9.75 -39.81
N GLY B 37 -9.82 8.41 -39.80
CA GLY B 37 -8.70 7.68 -40.33
C GLY B 37 -7.49 7.58 -39.43
N LYS B 38 -7.52 8.15 -38.23
CA LYS B 38 -6.35 8.17 -37.36
C LYS B 38 -6.39 7.01 -36.38
N VAL B 39 -5.24 6.77 -35.75
CA VAL B 39 -5.11 5.82 -34.64
C VAL B 39 -4.54 6.55 -33.44
N ALA B 40 -5.17 6.36 -32.29
CA ALA B 40 -4.78 7.01 -31.04
C ALA B 40 -4.37 5.95 -30.03
N PHE B 41 -3.21 6.15 -29.42
CA PHE B 41 -2.73 5.31 -28.32
C PHE B 41 -2.92 6.06 -27.00
N ILE B 42 -3.64 5.46 -26.06
CA ILE B 42 -4.07 6.13 -24.82
C ILE B 42 -3.70 5.26 -23.63
N SER B 43 -2.92 5.82 -22.70
CA SER B 43 -2.63 5.12 -21.45
C SER B 43 -3.66 5.47 -20.38
N GLY B 44 -3.83 4.56 -19.43
CA GLY B 44 -4.84 4.73 -18.40
C GLY B 44 -6.27 4.73 -18.90
N ALA B 45 -6.57 3.88 -19.89
CA ALA B 45 -7.84 3.95 -20.60
C ALA B 45 -8.95 3.07 -19.99
N ALA B 46 -8.75 2.52 -18.80
CA ALA B 46 -9.76 1.60 -18.26
C ALA B 46 -11.00 2.35 -17.77
N ARG B 47 -10.87 3.62 -17.39
CA ARG B 47 -11.96 4.38 -16.78
C ARG B 47 -11.57 5.86 -16.77
N GLY B 48 -12.47 6.70 -16.25
CA GLY B 48 -12.12 8.09 -16.02
C GLY B 48 -11.78 8.82 -17.30
N GLN B 49 -10.79 9.72 -17.23
CA GLN B 49 -10.49 10.56 -18.39
C GLN B 49 -9.98 9.73 -19.56
N GLY B 50 -9.18 8.69 -19.27
CA GLY B 50 -8.64 7.87 -20.35
C GLY B 50 -9.74 7.15 -21.12
N ARG B 51 -10.74 6.62 -20.41
CA ARG B 51 -11.88 6.02 -21.11
C ARG B 51 -12.61 7.07 -21.93
N SER B 52 -12.83 8.24 -21.34
CA SER B 52 -13.51 9.32 -22.04
C SER B 52 -12.75 9.74 -23.30
N HIS B 53 -11.41 9.80 -23.24
CA HIS B 53 -10.62 10.14 -24.43
C HIS B 53 -10.81 9.10 -25.53
N ALA B 54 -10.78 7.81 -25.17
CA ALA B 54 -10.95 6.76 -26.18
C ALA B 54 -12.31 6.86 -26.83
N VAL B 55 -13.36 7.07 -26.04
CA VAL B 55 -14.72 7.17 -26.57
C VAL B 55 -14.87 8.45 -27.41
N ARG B 56 -14.30 9.57 -26.94
CA ARG B 56 -14.46 10.82 -27.70
C ARG B 56 -13.69 10.78 -29.02
N LEU B 57 -12.48 10.24 -29.01
CA LEU B 57 -11.73 10.14 -30.25
C LEU B 57 -12.36 9.12 -31.19
N ALA B 58 -12.92 8.03 -30.64
CA ALA B 58 -13.63 7.06 -31.48
C ALA B 58 -14.88 7.66 -32.11
N GLN B 59 -15.64 8.44 -31.34
CA GLN B 59 -16.79 9.16 -31.90
C GLN B 59 -16.38 10.00 -33.10
N GLU B 60 -15.18 10.57 -33.07
CA GLU B 60 -14.70 11.40 -34.16
C GLU B 60 -13.86 10.64 -35.18
N GLY B 61 -13.91 9.30 -35.18
CA GLY B 61 -13.39 8.52 -36.27
C GLY B 61 -12.09 7.76 -36.05
N ALA B 62 -11.46 7.85 -34.89
CA ALA B 62 -10.17 7.20 -34.66
C ALA B 62 -10.34 5.78 -34.14
N ASP B 63 -9.46 4.88 -34.57
CA ASP B 63 -9.27 3.57 -33.96
C ASP B 63 -8.34 3.71 -32.77
N ILE B 64 -8.44 2.79 -31.80
CA ILE B 64 -7.88 3.00 -30.47
C ILE B 64 -6.91 1.88 -30.08
N ILE B 65 -5.77 2.25 -29.50
CA ILE B 65 -4.93 1.34 -28.72
C ILE B 65 -5.01 1.82 -27.27
N ALA B 66 -5.58 1.00 -26.39
CA ALA B 66 -5.92 1.40 -25.03
C ALA B 66 -5.24 0.49 -24.02
N ILE B 67 -4.41 1.06 -23.13
CA ILE B 67 -3.72 0.22 -22.16
C ILE B 67 -3.98 0.78 -20.77
N ASP B 68 -3.90 -0.11 -19.78
CA ASP B 68 -4.16 0.21 -18.39
C ASP B 68 -3.62 -0.93 -17.54
N ILE B 69 -3.10 -0.58 -16.36
CA ILE B 69 -2.59 -1.60 -15.44
C ILE B 69 -3.70 -2.54 -14.98
N CYS B 70 -4.93 -2.03 -14.83
CA CYS B 70 -6.09 -2.87 -14.48
C CYS B 70 -5.85 -3.65 -13.19
N GLY B 71 -5.22 -3.03 -12.22
CA GLY B 71 -4.77 -3.72 -11.04
C GLY B 71 -4.31 -2.79 -9.94
N PRO B 72 -4.00 -3.35 -8.78
CA PRO B 72 -3.73 -2.52 -7.61
C PRO B 72 -2.41 -1.78 -7.70
N ILE B 73 -2.34 -0.67 -6.99
CA ILE B 73 -1.16 0.17 -6.91
C ILE B 73 -0.92 0.50 -5.44
N GLU B 74 0.33 0.34 -5.01
CA GLU B 74 0.72 0.59 -3.62
C GLU B 74 0.24 1.95 -3.14
N ASN B 75 -0.42 1.96 -1.97
CA ASN B 75 -0.84 3.19 -1.29
C ASN B 75 -1.88 3.99 -2.09
N LEU B 76 -2.55 3.38 -3.06
CA LEU B 76 -3.59 4.09 -3.79
C LEU B 76 -4.70 4.49 -2.84
N ALA B 77 -5.13 5.75 -2.92
CA ALA B 77 -6.07 6.35 -1.98
C ALA B 77 -7.54 6.14 -2.37
N TYR B 78 -7.84 5.20 -3.26
CA TYR B 78 -9.16 5.05 -3.84
C TYR B 78 -9.19 3.71 -4.59
N PRO B 79 -10.36 3.22 -5.01
CA PRO B 79 -10.40 1.90 -5.68
C PRO B 79 -9.55 1.87 -6.95
N HIS B 80 -8.86 0.75 -7.15
CA HIS B 80 -8.04 0.60 -8.33
C HIS B 80 -8.90 0.10 -9.50
N SER B 81 -8.35 0.17 -10.71
CA SER B 81 -9.09 -0.27 -11.89
C SER B 81 -9.00 -1.79 -12.03
N THR B 82 -9.88 -2.34 -12.86
CA THR B 82 -10.03 -3.77 -13.09
C THR B 82 -9.88 -4.11 -14.57
N PRO B 83 -9.61 -5.38 -14.90
CA PRO B 83 -9.69 -5.78 -16.31
C PRO B 83 -11.08 -5.55 -16.89
N GLU B 84 -12.13 -5.67 -16.08
CA GLU B 84 -13.48 -5.45 -16.57
C GLU B 84 -13.70 -3.99 -16.97
N ASP B 85 -13.07 -3.04 -16.26
CA ASP B 85 -13.14 -1.64 -16.67
C ASP B 85 -12.67 -1.45 -18.11
N LEU B 86 -11.50 -2.00 -18.43
CA LEU B 86 -10.94 -1.81 -19.77
C LEU B 86 -11.76 -2.56 -20.82
N ALA B 87 -12.32 -3.72 -20.47
CA ALA B 87 -13.23 -4.41 -21.40
C ALA B 87 -14.48 -3.57 -21.68
N GLU B 88 -14.93 -2.78 -20.69
CA GLU B 88 -16.07 -1.88 -20.91
C GLU B 88 -15.68 -0.70 -21.81
N THR B 89 -14.47 -0.16 -21.64
CA THR B 89 -13.99 0.84 -22.60
C THR B 89 -13.99 0.28 -24.02
N ALA B 90 -13.53 -0.97 -24.17
CA ALA B 90 -13.53 -1.61 -25.49
C ALA B 90 -14.95 -1.75 -26.03
N ASP B 91 -15.91 -2.14 -25.18
CA ASP B 91 -17.30 -2.26 -25.65
C ASP B 91 -17.86 -0.92 -26.10
N LEU B 92 -17.56 0.16 -25.37
CA LEU B 92 -18.03 1.48 -25.76
C LEU B 92 -17.45 1.92 -27.10
N VAL B 93 -16.15 1.65 -27.32
CA VAL B 93 -15.53 2.03 -28.58
C VAL B 93 -16.09 1.19 -29.73
N LYS B 94 -16.29 -0.12 -29.50
CA LYS B 94 -16.82 -0.97 -30.56
C LYS B 94 -18.28 -0.63 -30.87
N ASP B 95 -19.04 -0.15 -29.88
CA ASP B 95 -20.40 0.30 -30.18
C ASP B 95 -20.42 1.45 -31.16
N LEU B 96 -19.31 2.17 -31.29
CA LEU B 96 -19.16 3.25 -32.26
C LEU B 96 -18.63 2.75 -33.60
N ASP B 97 -18.58 1.43 -33.81
CA ASP B 97 -18.10 0.81 -35.03
C ASP B 97 -16.65 1.17 -35.33
N ARG B 98 -15.86 1.36 -34.30
CA ARG B 98 -14.43 1.60 -34.42
C ARG B 98 -13.68 0.39 -33.90
N ARG B 99 -12.42 0.26 -34.34
CA ARG B 99 -11.56 -0.84 -33.91
C ARG B 99 -10.75 -0.43 -32.68
N ILE B 100 -10.51 -1.40 -31.80
CA ILE B 100 -9.74 -1.10 -30.60
C ILE B 100 -8.94 -2.33 -30.21
N VAL B 101 -7.66 -2.11 -29.86
CA VAL B 101 -6.80 -3.11 -29.26
C VAL B 101 -6.58 -2.72 -27.81
N THR B 102 -6.82 -3.63 -26.87
CA THR B 102 -6.56 -3.34 -25.47
C THR B 102 -5.41 -4.19 -24.96
N ALA B 103 -4.80 -3.73 -23.86
CA ALA B 103 -3.74 -4.51 -23.22
C ALA B 103 -3.63 -4.12 -21.76
N GLN B 104 -3.43 -5.12 -20.91
CA GLN B 104 -3.17 -4.91 -19.49
C GLN B 104 -1.67 -4.80 -19.31
N VAL B 105 -1.18 -3.59 -19.08
CA VAL B 105 0.25 -3.36 -18.96
C VAL B 105 0.48 -2.14 -18.07
N ASP B 106 1.55 -2.21 -17.29
CA ASP B 106 1.97 -1.15 -16.40
C ASP B 106 2.94 -0.22 -17.15
N VAL B 107 2.65 1.08 -17.15
CA VAL B 107 3.52 2.04 -17.85
C VAL B 107 4.92 2.07 -17.24
N ARG B 108 5.09 1.54 -16.02
CA ARG B 108 6.43 1.45 -15.46
C ARG B 108 7.30 0.39 -16.14
N ASP B 109 6.68 -0.55 -16.88
CA ASP B 109 7.38 -1.68 -17.50
C ASP B 109 7.50 -1.36 -18.99
N PHE B 110 8.62 -0.70 -19.36
CA PHE B 110 8.70 -0.17 -20.72
C PHE B 110 8.65 -1.27 -21.77
N GLU B 111 9.33 -2.39 -21.54
CA GLU B 111 9.38 -3.42 -22.57
C GLU B 111 8.00 -4.03 -22.81
N ALA B 112 7.25 -4.30 -21.75
CA ALA B 112 5.88 -4.77 -21.93
C ALA B 112 5.02 -3.72 -22.61
N LEU B 113 5.20 -2.45 -22.22
CA LEU B 113 4.46 -1.36 -22.87
C LEU B 113 4.77 -1.29 -24.36
N LYS B 114 6.06 -1.25 -24.70
CA LYS B 114 6.47 -1.22 -26.10
C LYS B 114 5.90 -2.41 -26.88
N SER B 115 5.93 -3.60 -26.28
CA SER B 115 5.40 -4.78 -26.96
C SER B 115 3.91 -4.63 -27.23
N ALA B 116 3.17 -4.09 -26.26
CA ALA B 116 1.75 -3.88 -26.48
C ALA B 116 1.50 -2.87 -27.59
N VAL B 117 2.25 -1.77 -27.60
CA VAL B 117 2.04 -0.74 -28.63
C VAL B 117 2.44 -1.28 -30.00
N ASP B 118 3.55 -2.02 -30.07
CA ASP B 118 3.97 -2.61 -31.34
C ASP B 118 2.88 -3.52 -31.90
N SER B 119 2.28 -4.32 -31.03
CA SER B 119 1.24 -5.25 -31.50
C SER B 119 0.00 -4.49 -31.94
N GLY B 120 -0.40 -3.47 -31.17
CA GLY B 120 -1.55 -2.67 -31.58
C GLY B 120 -1.35 -1.99 -32.91
N VAL B 121 -0.17 -1.42 -33.14
CA VAL B 121 0.12 -0.74 -34.40
C VAL B 121 0.15 -1.73 -35.56
N GLU B 122 0.69 -2.93 -35.32
CA GLU B 122 0.68 -3.94 -36.38
C GLU B 122 -0.74 -4.29 -36.79
N GLN B 123 -1.67 -4.30 -35.82
CA GLN B 123 -3.05 -4.66 -36.10
C GLN B 123 -3.81 -3.52 -36.75
N LEU B 124 -3.56 -2.28 -36.34
CA LEU B 124 -4.34 -1.15 -36.84
C LEU B 124 -3.67 -0.44 -38.00
N GLY B 125 -2.35 -0.61 -38.19
CA GLY B 125 -1.67 -0.20 -39.40
C GLY B 125 -0.95 1.14 -39.34
N ARG B 126 -1.08 1.90 -38.25
CA ARG B 126 -0.49 3.24 -38.17
C ARG B 126 -0.66 3.76 -36.75
N LEU B 127 0.06 4.84 -36.43
CA LEU B 127 -0.15 5.55 -35.16
C LEU B 127 0.00 7.05 -35.41
N ASP B 128 -1.00 7.81 -34.99
CA ASP B 128 -1.04 9.25 -35.23
C ASP B 128 -1.11 10.08 -33.97
N ILE B 129 -1.72 9.57 -32.90
CA ILE B 129 -2.05 10.31 -31.69
C ILE B 129 -1.61 9.49 -30.49
N ILE B 130 -1.01 10.17 -29.50
CA ILE B 130 -0.63 9.53 -28.25
C ILE B 130 -1.15 10.40 -27.12
N VAL B 131 -1.87 9.81 -26.18
CA VAL B 131 -2.39 10.55 -25.04
C VAL B 131 -1.85 9.88 -23.79
N ALA B 132 -0.85 10.50 -23.15
CA ALA B 132 -0.20 9.96 -21.96
C ALA B 132 -0.99 10.42 -20.73
N ASN B 133 -2.03 9.65 -20.44
CA ASN B 133 -3.05 10.01 -19.45
C ASN B 133 -2.92 9.25 -18.13
N ALA B 134 -2.40 8.01 -18.15
CA ALA B 134 -2.31 7.21 -16.93
C ALA B 134 -1.62 7.98 -15.81
N GLY B 135 -2.19 7.87 -14.60
CA GLY B 135 -1.58 8.47 -13.43
C GLY B 135 -2.30 8.11 -12.17
N VAL B 136 -1.68 8.46 -11.04
CA VAL B 136 -2.21 8.20 -9.72
C VAL B 136 -2.18 9.46 -8.87
N GLY B 137 -3.04 9.49 -7.86
CA GLY B 137 -2.86 10.34 -6.70
C GLY B 137 -2.71 9.43 -5.48
N THR B 138 -1.68 9.62 -4.69
CA THR B 138 -1.49 8.83 -3.48
C THR B 138 -1.19 9.74 -2.29
N ASP B 139 -1.43 9.19 -1.09
CA ASP B 139 -0.83 9.73 0.13
C ASP B 139 -1.33 11.15 0.36
N GLY B 140 -0.45 12.13 0.58
CA GLY B 140 -0.82 13.44 1.06
C GLY B 140 -0.22 13.75 2.42
N ARG B 141 1.06 14.10 2.44
CA ARG B 141 1.75 14.52 3.66
C ARG B 141 2.62 15.73 3.32
N LYS B 142 3.11 16.39 4.37
CA LYS B 142 4.14 17.41 4.19
C LYS B 142 5.31 16.83 3.41
N LEU B 143 5.90 17.65 2.54
CA LEU B 143 6.84 17.13 1.56
C LEU B 143 8.08 16.53 2.21
N HIS B 144 8.54 17.13 3.31
CA HIS B 144 9.70 16.57 4.01
C HIS B 144 9.34 15.38 4.90
N LYS B 145 8.09 14.95 4.91
CA LYS B 145 7.70 13.77 5.66
C LYS B 145 7.26 12.61 4.78
N ILE B 146 7.16 12.83 3.47
CA ILE B 146 6.76 11.74 2.57
C ILE B 146 7.86 10.68 2.54
N ARG B 147 7.45 9.41 2.66
CA ARG B 147 8.38 8.30 2.70
C ARG B 147 9.02 8.07 1.33
N ASP B 148 10.23 7.50 1.35
CA ASP B 148 11.00 7.42 0.11
C ASP B 148 10.25 6.64 -0.98
N ASN B 149 9.59 5.54 -0.61
CA ASN B 149 8.95 4.69 -1.62
C ASN B 149 7.65 5.31 -2.13
N VAL B 150 6.97 6.09 -1.30
CA VAL B 150 5.79 6.82 -1.75
C VAL B 150 6.20 7.89 -2.77
N TRP B 151 7.24 8.65 -2.48
CA TRP B 151 7.80 9.58 -3.47
C TRP B 151 8.14 8.84 -4.78
N GLN B 152 8.84 7.72 -4.66
CA GLN B 152 9.37 7.06 -5.85
C GLN B 152 8.27 6.49 -6.73
N ASP B 153 7.26 5.84 -6.12
CA ASP B 153 6.15 5.31 -6.90
C ASP B 153 5.46 6.42 -7.68
N MET B 154 5.32 7.60 -7.07
CA MET B 154 4.71 8.74 -7.73
C MET B 154 5.56 9.20 -8.91
N ILE B 155 6.87 9.32 -8.73
CA ILE B 155 7.75 9.68 -9.84
C ILE B 155 7.73 8.60 -10.92
N ASP B 156 7.79 7.32 -10.51
CA ASP B 156 7.74 6.20 -11.46
C ASP B 156 6.50 6.28 -12.35
N ILE B 157 5.33 6.47 -11.75
CA ILE B 157 4.10 6.40 -12.55
C ILE B 157 3.83 7.72 -13.26
N ASN B 158 3.85 8.84 -12.54
CA ASN B 158 3.35 10.09 -13.09
C ASN B 158 4.37 10.86 -13.91
N LEU B 159 5.66 10.56 -13.77
CA LEU B 159 6.68 11.21 -14.59
C LEU B 159 7.36 10.21 -15.51
N THR B 160 8.03 9.20 -14.96
CA THR B 160 8.71 8.21 -15.78
C THR B 160 7.73 7.42 -16.64
N GLY B 161 6.55 7.12 -16.10
CA GLY B 161 5.56 6.39 -16.89
C GLY B 161 5.10 7.17 -18.12
N VAL B 162 5.03 8.50 -18.00
CA VAL B 162 4.66 9.34 -19.13
C VAL B 162 5.75 9.29 -20.21
N TRP B 163 7.01 9.44 -19.78
CA TRP B 163 8.12 9.31 -20.72
C TRP B 163 8.10 7.96 -21.42
N HIS B 164 7.92 6.86 -20.66
CA HIS B 164 7.80 5.52 -21.24
C HIS B 164 6.71 5.45 -22.29
N THR B 165 5.57 6.09 -22.02
CA THR B 165 4.43 6.04 -22.93
C THR B 165 4.75 6.72 -24.26
N VAL B 166 5.33 7.93 -24.21
CA VAL B 166 5.69 8.61 -25.45
C VAL B 166 6.82 7.86 -26.17
N LYS B 167 7.83 7.41 -25.43
CA LYS B 167 8.94 6.68 -26.02
C LYS B 167 8.45 5.44 -26.76
N ALA B 168 7.44 4.74 -26.21
CA ALA B 168 6.94 3.54 -26.86
C ALA B 168 6.18 3.86 -28.13
N GLY B 169 5.47 4.99 -28.17
CA GLY B 169 4.64 5.29 -29.32
C GLY B 169 5.31 6.04 -30.45
N VAL B 170 6.28 6.90 -30.15
CA VAL B 170 6.76 7.85 -31.15
C VAL B 170 7.53 7.20 -32.31
N PRO B 171 8.17 6.03 -32.19
CA PRO B 171 8.76 5.44 -33.42
C PRO B 171 7.72 5.14 -34.49
N HIS B 172 6.51 4.77 -34.08
CA HIS B 172 5.46 4.47 -35.06
C HIS B 172 4.92 5.73 -35.71
N VAL B 173 4.75 6.81 -34.93
CA VAL B 173 4.36 8.09 -35.51
C VAL B 173 5.43 8.57 -36.48
N LEU B 174 6.71 8.52 -36.06
CA LEU B 174 7.81 8.90 -36.93
C LEU B 174 7.80 8.09 -38.23
N SER B 175 7.74 6.76 -38.14
CA SER B 175 7.87 5.95 -39.35
C SER B 175 6.67 6.09 -40.28
N GLY B 176 5.51 6.50 -39.77
CA GLY B 176 4.39 6.75 -40.67
C GLY B 176 4.59 7.94 -41.59
N GLY B 177 5.44 8.89 -41.20
CA GLY B 177 5.75 10.00 -42.08
C GLY B 177 4.63 10.98 -42.32
N ARG B 178 3.58 10.96 -41.49
CA ARG B 178 2.43 11.84 -41.67
C ARG B 178 2.32 12.90 -40.57
N GLY B 179 3.34 13.06 -39.73
CA GLY B 179 3.20 13.90 -38.58
C GLY B 179 2.31 13.25 -37.54
N GLY B 180 1.98 14.01 -36.51
CA GLY B 180 1.08 13.51 -35.49
C GLY B 180 0.95 14.51 -34.35
N SER B 181 0.29 14.04 -33.29
CA SER B 181 -0.03 14.92 -32.18
C SER B 181 0.02 14.13 -30.88
N ILE B 182 0.79 14.64 -29.92
CA ILE B 182 1.01 13.96 -28.64
C ILE B 182 0.50 14.89 -27.53
N VAL B 183 -0.29 14.33 -26.60
CA VAL B 183 -0.89 15.08 -25.49
C VAL B 183 -0.49 14.39 -24.18
N LEU B 184 0.17 15.14 -23.30
CA LEU B 184 0.53 14.66 -21.96
C LEU B 184 -0.44 15.26 -20.95
N THR B 185 -0.95 14.44 -20.04
CA THR B 185 -1.81 14.95 -18.97
C THR B 185 -0.92 15.38 -17.81
N SER B 186 -0.83 16.68 -17.59
CA SER B 186 -0.18 17.21 -16.39
C SER B 186 -1.28 17.52 -15.37
N SER B 187 -1.37 18.73 -14.82
CA SER B 187 -2.33 19.10 -13.80
C SER B 187 -2.16 20.60 -13.61
N VAL B 188 -3.15 21.24 -12.97
CA VAL B 188 -2.89 22.56 -12.38
C VAL B 188 -1.63 22.49 -11.52
N GLY B 189 -1.44 21.35 -10.84
CA GLY B 189 -0.25 21.08 -10.04
C GLY B 189 1.03 20.94 -10.84
N GLY B 190 0.96 20.94 -12.18
CA GLY B 190 2.14 21.11 -13.00
C GLY B 190 2.63 22.54 -13.12
N ARG B 191 1.86 23.52 -12.62
CA ARG B 191 2.25 24.92 -12.68
C ARG B 191 2.21 25.63 -11.32
N LYS B 192 1.42 25.15 -10.36
CA LYS B 192 1.47 25.71 -9.01
C LYS B 192 1.28 24.60 -8.00
N ALA B 193 1.60 24.91 -6.75
CA ALA B 193 1.57 23.91 -5.70
C ALA B 193 0.41 24.17 -4.77
N TYR B 194 -0.14 23.08 -4.25
CA TYR B 194 -1.03 23.06 -3.12
C TYR B 194 -0.34 22.28 -2.01
N PRO B 195 -0.64 22.59 -0.75
CA PRO B 195 0.02 21.89 0.36
C PRO B 195 -0.31 20.40 0.37
N ASN B 196 0.67 19.60 0.82
CA ASN B 196 0.54 18.17 1.06
C ASN B 196 0.41 17.32 -0.19
N THR B 197 0.86 17.82 -1.34
CA THR B 197 0.84 17.03 -2.58
C THR B 197 2.16 17.15 -3.33
N GLY B 198 3.26 17.36 -2.60
CA GLY B 198 4.49 17.83 -3.22
C GLY B 198 5.15 16.83 -4.15
N HIS B 199 4.99 15.53 -3.87
CA HIS B 199 5.50 14.53 -4.80
C HIS B 199 4.72 14.54 -6.12
N TYR B 200 3.38 14.72 -6.03
CA TYR B 200 2.55 14.93 -7.22
C TYR B 200 2.94 16.22 -7.95
N ILE B 201 3.14 17.32 -7.21
CA ILE B 201 3.54 18.58 -7.83
C ILE B 201 4.84 18.40 -8.61
N ALA B 202 5.84 17.78 -7.97
CA ALA B 202 7.15 17.59 -8.62
C ALA B 202 7.00 16.79 -9.91
N ALA B 203 6.26 15.68 -9.86
CA ALA B 203 6.07 14.85 -11.04
C ALA B 203 5.34 15.59 -12.17
N LYS B 204 4.27 16.32 -11.83
CA LYS B 204 3.48 17.00 -12.84
C LYS B 204 4.23 18.17 -13.46
N HIS B 205 5.11 18.82 -12.70
CA HIS B 205 6.04 19.80 -13.27
C HIS B 205 7.02 19.12 -14.22
N GLY B 206 7.53 17.94 -13.86
CA GLY B 206 8.39 17.21 -14.78
C GLY B 206 7.69 16.90 -16.11
N VAL B 207 6.37 16.66 -16.05
CA VAL B 207 5.61 16.33 -17.25
C VAL B 207 5.56 17.53 -18.20
N ILE B 208 5.51 18.76 -17.66
CA ILE B 208 5.63 19.94 -18.50
C ILE B 208 6.99 19.96 -19.18
N GLY B 209 8.05 19.63 -18.43
CA GLY B 209 9.37 19.50 -19.03
C GLY B 209 9.39 18.50 -20.17
N LEU B 210 8.78 17.32 -19.96
CA LEU B 210 8.71 16.32 -21.03
C LEU B 210 7.98 16.87 -22.25
N MET B 211 6.88 17.58 -22.04
CA MET B 211 6.15 18.15 -23.17
C MET B 211 7.05 19.08 -23.97
N ARG B 212 7.80 19.97 -23.30
CA ARG B 212 8.61 20.95 -24.02
C ARG B 212 9.77 20.28 -24.74
N ALA B 213 10.40 19.29 -24.11
CA ALA B 213 11.53 18.61 -24.73
C ALA B 213 11.08 17.79 -25.95
N PHE B 214 10.00 17.02 -25.79
CA PHE B 214 9.45 16.29 -26.92
C PHE B 214 9.00 17.25 -28.03
N ALA B 215 8.40 18.38 -27.67
CA ALA B 215 7.94 19.31 -28.70
C ALA B 215 9.11 19.87 -29.51
N VAL B 216 10.22 20.21 -28.85
CA VAL B 216 11.38 20.76 -29.54
C VAL B 216 12.01 19.70 -30.44
N GLU B 217 12.12 18.46 -29.96
CA GLU B 217 12.81 17.43 -30.74
C GLU B 217 11.96 16.88 -31.86
N LEU B 218 10.64 16.83 -31.69
CA LEU B 218 9.76 16.20 -32.67
C LEU B 218 9.11 17.19 -33.62
N GLY B 219 9.08 18.48 -33.28
CA GLY B 219 8.59 19.51 -34.17
C GLY B 219 9.08 19.43 -35.60
N PRO B 220 10.39 19.26 -35.80
CA PRO B 220 10.91 19.15 -37.18
C PRO B 220 10.28 18.05 -38.00
N HIS B 221 9.66 17.05 -37.36
CA HIS B 221 8.95 15.99 -38.06
C HIS B 221 7.44 16.25 -38.11
N MET B 222 7.02 17.49 -37.87
CA MET B 222 5.60 17.87 -37.84
C MET B 222 4.81 17.04 -36.82
N ILE B 223 5.45 16.70 -35.71
CA ILE B 223 4.77 16.05 -34.59
C ILE B 223 4.60 17.10 -33.50
N ARG B 224 3.36 17.42 -33.17
CA ARG B 224 3.04 18.38 -32.13
C ARG B 224 3.02 17.70 -30.78
N VAL B 225 3.46 18.42 -29.74
CA VAL B 225 3.43 17.90 -28.37
C VAL B 225 2.90 19.01 -27.47
N ASN B 226 1.83 18.72 -26.72
CA ASN B 226 1.17 19.69 -25.86
C ASN B 226 0.76 19.00 -24.56
N ALA B 227 0.36 19.80 -23.58
CA ALA B 227 -0.10 19.25 -22.31
C ALA B 227 -1.46 19.83 -21.96
N VAL B 228 -2.30 19.01 -21.32
CA VAL B 228 -3.54 19.50 -20.70
C VAL B 228 -3.34 19.55 -19.19
N LEU B 229 -3.91 20.57 -18.55
CA LEU B 229 -3.69 20.83 -17.14
C LEU B 229 -5.05 20.91 -16.45
N PRO B 230 -5.60 19.78 -16.02
CA PRO B 230 -6.91 19.80 -15.37
C PRO B 230 -6.83 20.32 -13.95
N THR B 231 -7.94 20.95 -13.54
CA THR B 231 -8.25 21.11 -12.13
C THR B 231 -8.93 19.82 -11.65
N GLN B 232 -9.60 19.84 -10.51
CA GLN B 232 -10.34 18.66 -10.06
C GLN B 232 -11.30 18.18 -11.14
N VAL B 233 -11.27 16.88 -11.42
CA VAL B 233 -12.15 16.22 -12.38
C VAL B 233 -12.98 15.18 -11.61
N SER B 234 -14.24 15.01 -12.01
CA SER B 234 -15.17 14.13 -11.30
C SER B 234 -14.92 12.65 -11.62
N THR B 235 -13.70 12.20 -11.36
CA THR B 235 -13.33 10.80 -11.53
C THR B 235 -13.11 10.14 -10.18
N THR B 236 -12.73 8.86 -10.21
CA THR B 236 -12.45 8.13 -8.98
C THR B 236 -11.28 8.74 -8.21
N MET B 237 -10.33 9.36 -8.92
CA MET B 237 -9.16 9.93 -8.25
C MET B 237 -9.54 11.05 -7.28
N VAL B 238 -10.65 11.74 -7.54
CA VAL B 238 -11.12 12.82 -6.68
C VAL B 238 -12.32 12.38 -5.83
N MET B 239 -13.22 11.60 -6.41
CA MET B 239 -14.48 11.27 -5.73
C MET B 239 -14.26 10.04 -4.86
N ASN B 240 -13.54 10.24 -3.75
CA ASN B 240 -13.27 9.17 -2.81
C ASN B 240 -13.20 9.76 -1.41
N ASP B 241 -13.31 8.88 -0.41
CA ASP B 241 -13.42 9.35 0.96
C ASP B 241 -12.12 9.99 1.46
N GLN B 242 -10.97 9.51 1.00
CA GLN B 242 -9.70 10.09 1.43
C GLN B 242 -9.57 11.53 0.96
N THR B 243 -10.04 11.82 -0.27
CA THR B 243 -9.99 13.18 -0.78
C THR B 243 -10.93 14.11 -0.03
N PHE B 244 -12.16 13.64 0.25
CA PHE B 244 -13.11 14.45 1.00
C PHE B 244 -12.54 14.85 2.36
N ARG B 245 -11.80 13.95 2.99
CA ARG B 245 -11.24 14.23 4.31
C ARG B 245 -10.00 15.11 4.22
N LEU B 246 -9.19 14.94 3.18
CA LEU B 246 -8.08 15.86 2.96
C LEU B 246 -8.56 17.26 2.63
N PHE B 247 -9.82 17.41 2.22
CA PHE B 247 -10.41 18.72 1.96
C PHE B 247 -11.33 19.20 3.08
N ARG B 248 -11.90 18.30 3.89
CA ARG B 248 -12.83 18.68 4.95
C ARG B 248 -12.53 17.94 6.25
N PRO B 249 -11.41 18.25 6.90
CA PRO B 249 -11.15 17.66 8.23
C PRO B 249 -12.25 17.92 9.25
N ASP B 250 -12.94 19.05 9.14
CA ASP B 250 -13.99 19.40 10.10
C ASP B 250 -15.13 18.40 10.12
N LEU B 251 -15.32 17.62 9.06
CA LEU B 251 -16.51 16.79 8.93
C LEU B 251 -16.26 15.37 9.45
N GLU B 252 -17.35 14.67 9.74
CA GLU B 252 -17.28 13.28 10.19
C GLU B 252 -17.05 12.35 9.01
N ASN B 253 -18.12 12.08 8.25
CA ASN B 253 -18.00 11.37 6.99
C ASN B 253 -18.35 12.33 5.85
N PRO B 254 -17.45 13.23 5.46
CA PRO B 254 -17.75 14.17 4.38
C PRO B 254 -18.02 13.45 3.06
N GLY B 255 -19.04 13.92 2.35
CA GLY B 255 -19.36 13.43 1.03
C GLY B 255 -19.09 14.48 -0.04
N PRO B 256 -19.57 14.24 -1.26
CA PRO B 256 -19.29 15.20 -2.35
C PRO B 256 -19.86 16.60 -2.11
N ASP B 257 -20.96 16.71 -1.38
CA ASP B 257 -21.60 18.00 -1.20
C ASP B 257 -20.83 18.87 -0.21
N ASP B 258 -20.08 18.26 0.69
CA ASP B 258 -19.25 19.01 1.61
C ASP B 258 -17.90 19.35 1.00
N PHE B 259 -17.45 18.53 0.07
CA PHE B 259 -16.20 18.77 -0.64
C PHE B 259 -16.36 19.90 -1.65
N ALA B 260 -17.50 19.94 -2.36
CA ALA B 260 -17.69 20.88 -3.46
C ALA B 260 -17.44 22.34 -3.11
N PRO B 261 -17.94 22.88 -1.99
CA PRO B 261 -17.66 24.30 -1.71
C PRO B 261 -16.17 24.60 -1.60
N ILE B 262 -15.41 23.72 -0.96
CA ILE B 262 -13.97 23.94 -0.83
C ILE B 262 -13.30 23.91 -2.18
N SER B 263 -13.61 22.88 -2.98
CA SER B 263 -12.99 22.77 -4.29
C SER B 263 -13.37 23.95 -5.17
N GLN B 264 -14.60 24.44 -5.04
CA GLN B 264 -15.04 25.57 -5.86
C GLN B 264 -14.30 26.87 -5.50
N MET B 265 -13.86 27.01 -4.25
CA MET B 265 -13.11 28.20 -3.88
C MET B 265 -11.76 28.28 -4.59
N MET B 266 -11.28 27.18 -5.14
CA MET B 266 -10.05 27.22 -5.89
C MET B 266 -10.25 27.71 -7.31
N HIS B 267 -11.47 27.95 -7.73
CA HIS B 267 -11.83 28.23 -9.11
C HIS B 267 -12.30 29.67 -9.28
N THR B 268 -12.14 30.18 -10.49
CA THR B 268 -12.70 31.48 -10.87
C THR B 268 -14.13 31.35 -11.41
N LEU B 269 -14.40 30.31 -12.21
CA LEU B 269 -15.78 29.97 -12.55
C LEU B 269 -16.42 29.25 -11.37
N PRO B 270 -17.80 29.56 -11.07
CA PRO B 270 -18.46 28.92 -9.90
C PRO B 270 -18.91 27.49 -10.17
N VAL B 271 -17.94 26.60 -10.39
CA VAL B 271 -18.21 25.16 -10.45
C VAL B 271 -17.24 24.46 -9.51
N PRO B 272 -17.61 23.30 -8.96
CA PRO B 272 -16.70 22.63 -8.00
C PRO B 272 -15.63 21.76 -8.66
N TRP B 273 -15.78 21.41 -9.93
CA TRP B 273 -14.86 20.52 -10.64
C TRP B 273 -15.30 20.53 -12.09
N VAL B 274 -14.48 19.93 -12.95
CA VAL B 274 -14.85 19.73 -14.34
C VAL B 274 -15.10 18.25 -14.55
N ASP B 275 -15.62 17.90 -15.72
CA ASP B 275 -15.94 16.52 -16.02
C ASP B 275 -14.92 15.96 -16.99
N ALA B 276 -14.84 14.62 -17.03
CA ALA B 276 -13.89 13.99 -17.94
C ALA B 276 -14.09 14.48 -19.37
N SER B 277 -15.34 14.73 -19.76
CA SER B 277 -15.65 15.18 -21.12
C SER B 277 -15.04 16.52 -21.44
N ASP B 278 -14.89 17.40 -20.44
CA ASP B 278 -14.19 18.66 -20.66
C ASP B 278 -12.73 18.43 -21.00
N ILE B 279 -12.08 17.46 -20.35
CA ILE B 279 -10.69 17.18 -20.71
C ILE B 279 -10.63 16.57 -22.11
N SER B 280 -11.59 15.70 -22.43
CA SER B 280 -11.58 15.05 -23.74
C SER B 280 -11.83 16.04 -24.87
N ASN B 281 -12.63 17.07 -24.65
CA ASN B 281 -12.82 18.08 -25.68
C ASN B 281 -11.52 18.84 -25.94
N ALA B 282 -10.76 19.13 -24.90
CA ALA B 282 -9.44 19.75 -25.11
C ALA B 282 -8.50 18.79 -25.83
N VAL B 283 -8.49 17.51 -25.43
CA VAL B 283 -7.64 16.52 -26.08
C VAL B 283 -8.02 16.36 -27.55
N LEU B 284 -9.31 16.35 -27.84
CA LEU B 284 -9.77 16.25 -29.22
C LEU B 284 -9.30 17.44 -30.04
N PHE B 285 -9.44 18.66 -29.51
CA PHE B 285 -8.92 19.83 -30.22
C PHE B 285 -7.45 19.66 -30.55
N LEU B 286 -6.63 19.28 -29.54
CA LEU B 286 -5.20 19.18 -29.74
C LEU B 286 -4.83 18.02 -30.66
N ALA B 287 -5.66 16.97 -30.71
CA ALA B 287 -5.40 15.80 -31.55
C ALA B 287 -5.78 16.01 -33.00
N SER B 288 -6.70 16.91 -33.30
CA SER B 288 -7.24 17.08 -34.64
C SER B 288 -6.43 18.09 -35.45
N ASP B 289 -6.68 18.11 -36.77
CA ASP B 289 -6.06 19.06 -37.67
C ASP B 289 -6.45 20.51 -37.38
N GLU B 290 -7.51 20.75 -36.61
CA GLU B 290 -7.85 22.11 -36.21
C GLU B 290 -6.79 22.75 -35.31
N SER B 291 -5.84 21.97 -34.79
CA SER B 291 -4.71 22.50 -34.04
C SER B 291 -3.38 22.14 -34.71
N ARG B 292 -3.41 21.97 -36.03
CA ARG B 292 -2.24 21.47 -36.77
C ARG B 292 -0.96 22.24 -36.50
N TYR B 293 -1.05 23.52 -36.12
CA TYR B 293 0.16 24.31 -35.86
C TYR B 293 0.26 24.72 -34.38
N VAL B 294 -0.41 24.03 -33.49
CA VAL B 294 -0.34 24.28 -32.06
C VAL B 294 0.62 23.25 -31.46
N THR B 295 1.76 23.72 -30.93
CA THR B 295 2.70 22.83 -30.27
C THR B 295 3.43 23.57 -29.16
N GLY B 296 3.85 22.82 -28.15
CA GLY B 296 4.55 23.39 -27.01
C GLY B 296 3.66 24.08 -25.99
N VAL B 297 2.35 23.82 -26.00
CA VAL B 297 1.39 24.58 -25.21
C VAL B 297 0.98 23.81 -23.97
N SER B 298 0.91 24.52 -22.84
CA SER B 298 0.25 24.03 -21.62
C SER B 298 -1.18 24.55 -21.64
N LEU B 299 -2.15 23.67 -21.90
CA LEU B 299 -3.54 24.10 -22.01
C LEU B 299 -4.31 23.77 -20.73
N PRO B 300 -4.52 24.72 -19.82
CA PRO B 300 -5.29 24.40 -18.60
C PRO B 300 -6.75 24.20 -18.93
N VAL B 301 -7.37 23.18 -18.33
CA VAL B 301 -8.82 23.05 -18.32
C VAL B 301 -9.19 23.11 -16.85
N ASP B 302 -9.28 24.33 -16.30
CA ASP B 302 -9.09 24.48 -14.86
C ASP B 302 -10.10 25.42 -14.19
N ALA B 303 -11.14 25.85 -14.90
CA ALA B 303 -12.16 26.75 -14.33
C ALA B 303 -11.52 27.99 -13.70
N GLY B 304 -10.36 28.40 -14.24
CA GLY B 304 -9.69 29.61 -13.78
C GLY B 304 -8.82 29.46 -12.55
N SER B 305 -8.44 28.22 -12.19
CA SER B 305 -7.59 27.99 -11.02
CA SER B 305 -7.60 28.01 -11.02
C SER B 305 -6.30 28.79 -11.11
N LEU B 306 -5.67 28.81 -12.29
CA LEU B 306 -4.37 29.45 -12.42
C LEU B 306 -4.45 30.97 -12.49
N LEU B 307 -5.65 31.54 -12.41
CA LEU B 307 -5.81 32.99 -12.26
C LEU B 307 -5.62 33.45 -10.82
N LYS B 308 -5.66 32.53 -9.86
CA LYS B 308 -5.58 32.92 -8.45
C LYS B 308 -4.21 33.49 -8.09
N THR C 32 -39.38 -37.23 -4.54
CA THR C 32 -38.67 -37.83 -3.42
C THR C 32 -37.28 -37.21 -3.25
N GLY C 33 -37.19 -35.89 -3.36
CA GLY C 33 -35.90 -35.23 -3.26
C GLY C 33 -35.41 -35.15 -1.83
N ARG C 34 -34.08 -35.14 -1.68
CA ARG C 34 -33.46 -35.28 -0.36
C ARG C 34 -33.53 -34.02 0.49
N VAL C 35 -33.93 -32.88 -0.08
CA VAL C 35 -34.23 -31.70 0.72
C VAL C 35 -35.60 -31.14 0.31
N ALA C 36 -36.52 -32.04 -0.03
CA ALA C 36 -37.86 -31.63 -0.45
C ALA C 36 -38.54 -30.82 0.65
N GLY C 37 -39.25 -29.77 0.24
CA GLY C 37 -39.97 -28.90 1.15
C GLY C 37 -39.11 -27.90 1.90
N LYS C 38 -37.80 -27.88 1.66
CA LYS C 38 -36.90 -27.00 2.39
C LYS C 38 -36.62 -25.73 1.59
N VAL C 39 -36.17 -24.70 2.31
CA VAL C 39 -35.64 -23.48 1.71
C VAL C 39 -34.18 -23.34 2.15
N ALA C 40 -33.31 -23.03 1.20
CA ALA C 40 -31.87 -22.89 1.46
C ALA C 40 -31.41 -21.49 1.07
N PHE C 41 -30.64 -20.87 1.95
CA PHE C 41 -30.02 -19.57 1.74
C PHE C 41 -28.55 -19.77 1.45
N ILE C 42 -28.05 -19.22 0.33
CA ILE C 42 -26.69 -19.51 -0.14
C ILE C 42 -26.02 -18.19 -0.50
N SER C 43 -24.87 -17.91 0.12
CA SER C 43 -24.11 -16.72 -0.24
C SER C 43 -23.06 -17.06 -1.29
N GLY C 44 -22.71 -16.06 -2.11
CA GLY C 44 -21.80 -16.28 -3.22
C GLY C 44 -22.36 -17.20 -4.30
N ALA C 45 -23.64 -17.06 -4.62
CA ALA C 45 -24.35 -17.99 -5.48
C ALA C 45 -24.33 -17.60 -6.96
N ALA C 46 -23.52 -16.62 -7.37
CA ALA C 46 -23.57 -16.16 -8.76
C ALA C 46 -22.94 -17.14 -9.74
N ARG C 47 -22.02 -18.00 -9.28
CA ARG C 47 -21.21 -18.86 -10.12
C ARG C 47 -20.48 -19.85 -9.20
N GLY C 48 -19.66 -20.72 -9.81
CA GLY C 48 -18.75 -21.54 -9.01
C GLY C 48 -19.48 -22.49 -8.08
N GLN C 49 -18.92 -22.69 -6.89
CA GLN C 49 -19.50 -23.66 -5.96
C GLN C 49 -20.88 -23.20 -5.47
N GLY C 50 -21.03 -21.89 -5.23
CA GLY C 50 -22.32 -21.37 -4.78
C GLY C 50 -23.44 -21.64 -5.75
N ARG C 51 -23.20 -21.39 -7.05
CA ARG C 51 -24.19 -21.76 -8.06
C ARG C 51 -24.47 -23.26 -8.03
N SER C 52 -23.41 -24.07 -7.96
CA SER C 52 -23.57 -25.51 -7.93
C SER C 52 -24.40 -25.96 -6.72
N HIS C 53 -24.20 -25.32 -5.57
CA HIS C 53 -25.01 -25.67 -4.40
C HIS C 53 -26.49 -25.35 -4.64
N ALA C 54 -26.76 -24.20 -5.26
CA ALA C 54 -28.15 -23.80 -5.50
C ALA C 54 -28.83 -24.78 -6.43
N VAL C 55 -28.16 -25.14 -7.53
CA VAL C 55 -28.72 -26.09 -8.49
C VAL C 55 -28.90 -27.45 -7.85
N ARG C 56 -27.91 -27.90 -7.07
CA ARG C 56 -27.97 -29.25 -6.52
C ARG C 56 -29.06 -29.35 -5.46
N LEU C 57 -29.26 -28.28 -4.67
CA LEU C 57 -30.33 -28.31 -3.66
C LEU C 57 -31.68 -28.15 -4.30
N ALA C 58 -31.78 -27.30 -5.34
CA ALA C 58 -33.02 -27.22 -6.11
C ALA C 58 -33.36 -28.56 -6.75
N GLN C 59 -32.36 -29.25 -7.30
CA GLN C 59 -32.60 -30.58 -7.87
C GLN C 59 -33.22 -31.53 -6.85
N GLU C 60 -32.86 -31.39 -5.58
CA GLU C 60 -33.35 -32.30 -4.54
C GLU C 60 -34.55 -31.72 -3.78
N GLY C 61 -35.20 -30.69 -4.32
CA GLY C 61 -36.48 -30.23 -3.80
C GLY C 61 -36.50 -28.85 -3.16
N ALA C 62 -35.36 -28.20 -2.97
CA ALA C 62 -35.34 -27.00 -2.16
C ALA C 62 -35.58 -25.76 -3.00
N ASP C 63 -36.30 -24.80 -2.43
CA ASP C 63 -36.31 -23.43 -2.96
C ASP C 63 -35.11 -22.67 -2.42
N ILE C 64 -34.75 -21.58 -3.11
CA ILE C 64 -33.42 -20.98 -2.96
C ILE C 64 -33.53 -19.48 -2.72
N ILE C 65 -32.81 -18.99 -1.72
CA ILE C 65 -32.43 -17.58 -1.61
C ILE C 65 -30.95 -17.49 -1.96
N ALA C 66 -30.63 -16.77 -3.02
CA ALA C 66 -29.28 -16.74 -3.60
C ALA C 66 -28.78 -15.30 -3.69
N ILE C 67 -27.67 -14.99 -3.00
CA ILE C 67 -27.14 -13.63 -3.02
C ILE C 67 -25.67 -13.65 -3.44
N ASP C 68 -25.23 -12.54 -4.01
CA ASP C 68 -23.85 -12.40 -4.48
C ASP C 68 -23.58 -10.91 -4.67
N ILE C 69 -22.32 -10.51 -4.46
CA ILE C 69 -21.98 -9.10 -4.63
C ILE C 69 -22.11 -8.69 -6.10
N CYS C 70 -21.80 -9.59 -7.03
CA CYS C 70 -21.98 -9.33 -8.47
C CYS C 70 -21.21 -8.07 -8.90
N GLY C 71 -20.05 -7.85 -8.30
CA GLY C 71 -19.24 -6.71 -8.64
C GLY C 71 -17.79 -6.82 -8.19
N PRO C 72 -17.02 -5.78 -8.46
CA PRO C 72 -15.58 -5.83 -8.20
C PRO C 72 -15.25 -5.86 -6.72
N ILE C 73 -14.12 -6.48 -6.40
CA ILE C 73 -13.58 -6.56 -5.05
C ILE C 73 -12.12 -6.13 -5.12
N GLU C 74 -11.71 -5.22 -4.23
CA GLU C 74 -10.34 -4.74 -4.23
C GLU C 74 -9.35 -5.91 -4.18
N ASN C 75 -8.33 -5.83 -5.02
CA ASN C 75 -7.22 -6.78 -5.10
C ASN C 75 -7.65 -8.17 -5.55
N LEU C 76 -8.86 -8.33 -6.10
CA LEU C 76 -9.26 -9.63 -6.57
C LEU C 76 -8.32 -10.12 -7.67
N ALA C 77 -7.93 -11.39 -7.60
CA ALA C 77 -6.87 -11.94 -8.44
C ALA C 77 -7.38 -12.58 -9.73
N TYR C 78 -8.62 -12.28 -10.14
CA TYR C 78 -9.30 -13.00 -11.20
C TYR C 78 -10.58 -12.25 -11.56
N PRO C 79 -11.29 -12.64 -12.61
CA PRO C 79 -12.51 -11.91 -12.97
C PRO C 79 -13.55 -11.96 -11.87
N HIS C 80 -14.20 -10.82 -11.62
CA HIS C 80 -15.24 -10.84 -10.61
C HIS C 80 -16.56 -11.30 -11.23
N SER C 81 -17.55 -11.48 -10.38
CA SER C 81 -18.86 -11.93 -10.82
C SER C 81 -19.72 -10.77 -11.27
N THR C 82 -20.76 -11.08 -12.03
CA THR C 82 -21.60 -10.08 -12.66
C THR C 82 -23.06 -10.34 -12.30
N PRO C 83 -23.92 -9.33 -12.46
CA PRO C 83 -25.36 -9.59 -12.27
C PRO C 83 -25.92 -10.61 -13.23
N GLU C 84 -25.33 -10.73 -14.42
CA GLU C 84 -25.75 -11.75 -15.37
C GLU C 84 -25.44 -13.16 -14.84
N ASP C 85 -24.30 -13.33 -14.15
CA ASP C 85 -24.00 -14.61 -13.51
C ASP C 85 -25.14 -15.05 -12.60
N LEU C 86 -25.57 -14.16 -11.70
CA LEU C 86 -26.61 -14.53 -10.74
C LEU C 86 -27.95 -14.81 -11.43
N ALA C 87 -28.24 -14.08 -12.51
CA ALA C 87 -29.45 -14.36 -13.27
C ALA C 87 -29.38 -15.74 -13.90
N GLU C 88 -28.19 -16.16 -14.36
CA GLU C 88 -28.04 -17.50 -14.91
C GLU C 88 -28.31 -18.56 -13.86
N THR C 89 -27.78 -18.37 -12.64
CA THR C 89 -28.10 -19.28 -11.55
C THR C 89 -29.62 -19.37 -11.35
N ALA C 90 -30.31 -18.24 -11.41
CA ALA C 90 -31.75 -18.24 -11.21
C ALA C 90 -32.47 -18.98 -12.34
N ASP C 91 -32.04 -18.77 -13.59
CA ASP C 91 -32.61 -19.52 -14.71
C ASP C 91 -32.42 -21.02 -14.49
N LEU C 92 -31.23 -21.42 -14.05
CA LEU C 92 -30.96 -22.84 -13.81
C LEU C 92 -31.88 -23.39 -12.72
N VAL C 93 -32.14 -22.61 -11.68
CA VAL C 93 -33.00 -23.10 -10.60
C VAL C 93 -34.46 -23.12 -11.06
N LYS C 94 -34.88 -22.10 -11.80
CA LYS C 94 -36.24 -22.10 -12.34
C LYS C 94 -36.46 -23.24 -13.34
N ASP C 95 -35.41 -23.64 -14.06
CA ASP C 95 -35.54 -24.78 -14.97
C ASP C 95 -35.85 -26.06 -14.22
N LEU C 96 -35.47 -26.13 -12.96
CA LEU C 96 -35.77 -27.26 -12.10
C LEU C 96 -37.10 -27.10 -11.39
N ASP C 97 -37.92 -26.13 -11.82
CA ASP C 97 -39.27 -25.96 -11.32
C ASP C 97 -39.28 -25.58 -9.85
N ARG C 98 -38.23 -24.89 -9.40
CA ARG C 98 -38.13 -24.43 -8.03
C ARG C 98 -38.20 -22.91 -7.96
N ARG C 99 -38.59 -22.41 -6.79
CA ARG C 99 -38.58 -20.98 -6.56
C ARG C 99 -37.17 -20.53 -6.18
N ILE C 100 -36.86 -19.28 -6.53
CA ILE C 100 -35.57 -18.70 -6.17
C ILE C 100 -35.71 -17.19 -6.04
N VAL C 101 -35.25 -16.65 -4.92
CA VAL C 101 -35.14 -15.21 -4.72
C VAL C 101 -33.67 -14.84 -4.79
N THR C 102 -33.34 -13.79 -5.55
CA THR C 102 -31.96 -13.36 -5.69
C THR C 102 -31.80 -11.93 -5.18
N ALA C 103 -30.58 -11.61 -4.73
CA ALA C 103 -30.26 -10.24 -4.34
C ALA C 103 -28.78 -9.98 -4.58
N GLN C 104 -28.47 -8.77 -5.05
CA GLN C 104 -27.08 -8.33 -5.13
C GLN C 104 -26.77 -7.62 -3.83
N VAL C 105 -25.85 -8.18 -3.05
CA VAL C 105 -25.55 -7.60 -1.75
C VAL C 105 -24.18 -8.11 -1.32
N ASP C 106 -23.44 -7.25 -0.64
CA ASP C 106 -22.13 -7.58 -0.11
C ASP C 106 -22.29 -8.14 1.31
N VAL C 107 -21.78 -9.36 1.54
CA VAL C 107 -21.88 -9.96 2.87
C VAL C 107 -21.19 -9.10 3.94
N ARG C 108 -20.34 -8.15 3.53
CA ARG C 108 -19.76 -7.24 4.52
C ARG C 108 -20.78 -6.23 5.04
N ASP C 109 -21.91 -6.06 4.37
CA ASP C 109 -22.93 -5.07 4.74
C ASP C 109 -24.05 -5.85 5.42
N PHE C 110 -24.00 -5.93 6.76
CA PHE C 110 -24.92 -6.83 7.44
C PHE C 110 -26.38 -6.38 7.28
N GLU C 111 -26.64 -5.07 7.37
CA GLU C 111 -28.03 -4.61 7.32
C GLU C 111 -28.66 -4.87 5.96
N ALA C 112 -27.88 -4.70 4.89
CA ALA C 112 -28.39 -5.00 3.56
C ALA C 112 -28.56 -6.50 3.36
N LEU C 113 -27.65 -7.29 3.93
CA LEU C 113 -27.78 -8.74 3.85
C LEU C 113 -28.98 -9.22 4.64
N LYS C 114 -29.16 -8.71 5.86
CA LYS C 114 -30.34 -9.04 6.65
C LYS C 114 -31.62 -8.72 5.90
N SER C 115 -31.67 -7.55 5.25
N SER C 115 -31.66 -7.55 5.26
CA SER C 115 -32.87 -7.17 4.51
CA SER C 115 -32.86 -7.17 4.51
C SER C 115 -33.15 -8.14 3.37
C SER C 115 -33.15 -8.15 3.38
N ALA C 116 -32.11 -8.53 2.64
CA ALA C 116 -32.30 -9.47 1.53
C ALA C 116 -32.79 -10.83 2.03
N VAL C 117 -32.26 -11.30 3.17
CA VAL C 117 -32.70 -12.58 3.69
C VAL C 117 -34.13 -12.50 4.20
N ASP C 118 -34.44 -11.43 4.95
CA ASP C 118 -35.79 -11.27 5.46
C ASP C 118 -36.80 -11.22 4.33
N SER C 119 -36.50 -10.46 3.28
CA SER C 119 -37.39 -10.43 2.12
C SER C 119 -37.54 -11.80 1.49
N GLY C 120 -36.44 -12.54 1.36
CA GLY C 120 -36.52 -13.87 0.78
C GLY C 120 -37.34 -14.84 1.60
N VAL C 121 -37.21 -14.76 2.94
CA VAL C 121 -37.98 -15.67 3.78
C VAL C 121 -39.45 -15.27 3.78
N GLU C 122 -39.75 -13.96 3.74
CA GLU C 122 -41.13 -13.53 3.62
C GLU C 122 -41.77 -14.06 2.35
N GLN C 123 -40.98 -14.24 1.28
CA GLN C 123 -41.53 -14.69 0.01
C GLN C 123 -41.62 -16.21 -0.06
N LEU C 124 -40.65 -16.92 0.51
CA LEU C 124 -40.63 -18.38 0.38
C LEU C 124 -41.25 -19.11 1.56
N GLY C 125 -41.39 -18.46 2.72
CA GLY C 125 -42.19 -18.98 3.80
C GLY C 125 -41.43 -19.59 4.96
N ARG C 126 -40.16 -19.91 4.77
CA ARG C 126 -39.39 -20.59 5.81
C ARG C 126 -37.92 -20.52 5.45
N LEU C 127 -37.07 -20.98 6.36
CA LEU C 127 -35.65 -21.15 6.08
C LEU C 127 -35.13 -22.32 6.91
N ASP C 128 -34.46 -23.26 6.23
CA ASP C 128 -33.96 -24.48 6.84
C ASP C 128 -32.46 -24.69 6.69
N ILE C 129 -31.86 -24.24 5.59
CA ILE C 129 -30.48 -24.53 5.25
C ILE C 129 -29.75 -23.22 4.97
N ILE C 130 -28.57 -23.04 5.56
CA ILE C 130 -27.69 -21.91 5.28
C ILE C 130 -26.35 -22.44 4.82
N VAL C 131 -25.86 -21.94 3.69
CA VAL C 131 -24.57 -22.32 3.13
C VAL C 131 -23.75 -21.04 2.99
N ALA C 132 -22.82 -20.81 3.93
CA ALA C 132 -22.00 -19.61 3.92
C ALA C 132 -20.78 -19.86 3.04
N ASN C 133 -20.97 -19.66 1.74
CA ASN C 133 -20.03 -20.04 0.68
C ASN C 133 -19.25 -18.86 0.10
N ALA C 134 -19.77 -17.63 0.18
CA ALA C 134 -19.09 -16.50 -0.45
C ALA C 134 -17.68 -16.35 0.10
N GLY C 135 -16.73 -16.08 -0.80
CA GLY C 135 -15.36 -15.89 -0.41
C GLY C 135 -14.50 -15.45 -1.56
N VAL C 136 -13.29 -15.00 -1.23
CA VAL C 136 -12.33 -14.47 -2.19
C VAL C 136 -10.95 -15.06 -1.91
N GLY C 137 -10.12 -15.04 -2.95
CA GLY C 137 -8.68 -15.20 -2.84
C GLY C 137 -7.96 -13.98 -3.40
N THR C 138 -7.05 -13.39 -2.64
CA THR C 138 -6.37 -12.18 -3.09
C THR C 138 -4.87 -12.30 -2.80
N ASP C 139 -4.08 -11.58 -3.61
CA ASP C 139 -2.68 -11.32 -3.27
C ASP C 139 -1.86 -12.60 -3.22
N GLY C 140 -1.00 -12.73 -2.22
CA GLY C 140 -0.02 -13.80 -2.16
C GLY C 140 1.37 -13.31 -1.83
N ARG C 141 1.65 -13.12 -0.55
CA ARG C 141 2.92 -12.59 -0.07
C ARG C 141 3.27 -13.28 1.24
N LYS C 142 4.54 -13.17 1.64
CA LYS C 142 4.91 -13.56 2.99
C LYS C 142 4.03 -12.84 4.00
N LEU C 143 3.63 -13.55 5.06
CA LEU C 143 2.60 -13.03 5.96
C LEU C 143 3.04 -11.74 6.62
N HIS C 144 4.32 -11.62 6.96
CA HIS C 144 4.83 -10.38 7.54
C HIS C 144 4.98 -9.27 6.51
N LYS C 145 4.68 -9.54 5.23
CA LYS C 145 4.70 -8.48 4.22
C LYS C 145 3.32 -8.13 3.68
N ILE C 146 2.28 -8.84 4.08
CA ILE C 146 0.94 -8.52 3.60
C ILE C 146 0.54 -7.13 4.08
N ARG C 147 -0.02 -6.33 3.17
CA ARG C 147 -0.45 -4.98 3.48
C ARG C 147 -1.71 -5.01 4.35
N ASP C 148 -1.87 -3.96 5.16
CA ASP C 148 -2.95 -3.94 6.15
C ASP C 148 -4.32 -4.06 5.49
N ASN C 149 -4.54 -3.36 4.37
CA ASN C 149 -5.87 -3.36 3.75
C ASN C 149 -6.16 -4.70 3.08
N VAL C 150 -5.13 -5.39 2.58
CA VAL C 150 -5.31 -6.72 1.99
C VAL C 150 -5.68 -7.72 3.07
N TRP C 151 -4.94 -7.73 4.17
CA TRP C 151 -5.33 -8.53 5.34
C TRP C 151 -6.76 -8.22 5.76
N GLN C 152 -7.10 -6.93 5.87
CA GLN C 152 -8.40 -6.55 6.44
C GLN C 152 -9.54 -6.96 5.51
N ASP C 153 -9.40 -6.76 4.20
CA ASP C 153 -10.46 -7.18 3.28
C ASP C 153 -10.68 -8.68 3.36
N MET C 154 -9.61 -9.44 3.53
CA MET C 154 -9.72 -10.89 3.58
C MET C 154 -10.48 -11.33 4.83
N ILE C 155 -10.13 -10.73 5.98
CA ILE C 155 -10.87 -11.03 7.21
C ILE C 155 -12.32 -10.58 7.08
N ASP C 156 -12.54 -9.35 6.57
CA ASP C 156 -13.89 -8.83 6.40
C ASP C 156 -14.78 -9.78 5.59
N ILE C 157 -14.26 -10.33 4.50
CA ILE C 157 -15.09 -11.13 3.58
C ILE C 157 -15.15 -12.58 4.05
N ASN C 158 -13.98 -13.22 4.19
CA ASN C 158 -13.93 -14.67 4.40
C ASN C 158 -14.19 -15.09 5.84
N LEU C 159 -14.11 -14.18 6.80
CA LEU C 159 -14.43 -14.53 8.18
C LEU C 159 -15.63 -13.76 8.69
N THR C 160 -15.55 -12.43 8.77
CA THR C 160 -16.66 -11.62 9.25
C THR C 160 -17.88 -11.75 8.35
N GLY C 161 -17.66 -11.88 7.03
CA GLY C 161 -18.78 -12.07 6.12
C GLY C 161 -19.51 -13.39 6.34
N VAL C 162 -18.76 -14.45 6.68
CA VAL C 162 -19.40 -15.72 7.03
C VAL C 162 -20.28 -15.54 8.25
N TRP C 163 -19.72 -14.92 9.30
CA TRP C 163 -20.50 -14.67 10.52
C TRP C 163 -21.77 -13.88 10.22
N HIS C 164 -21.64 -12.78 9.45
CA HIS C 164 -22.79 -12.01 9.00
C HIS C 164 -23.85 -12.88 8.34
N THR C 165 -23.40 -13.83 7.52
CA THR C 165 -24.31 -14.69 6.77
C THR C 165 -25.13 -15.59 7.69
N VAL C 166 -24.47 -16.25 8.64
CA VAL C 166 -25.20 -17.07 9.60
C VAL C 166 -26.10 -16.21 10.47
N LYS C 167 -25.57 -15.08 10.94
CA LYS C 167 -26.34 -14.17 11.78
C LYS C 167 -27.61 -13.70 11.07
N ALA C 168 -27.51 -13.38 9.79
CA ALA C 168 -28.68 -12.91 9.06
C ALA C 168 -29.72 -14.01 8.92
N GLY C 169 -29.28 -15.26 8.79
CA GLY C 169 -30.21 -16.34 8.51
C GLY C 169 -30.83 -17.01 9.72
N VAL C 170 -30.03 -17.21 10.77
CA VAL C 170 -30.43 -18.14 11.84
C VAL C 170 -31.68 -17.70 12.60
N PRO C 171 -32.04 -16.41 12.72
CA PRO C 171 -33.33 -16.11 13.36
C PRO C 171 -34.52 -16.78 12.67
N HIS C 172 -34.45 -16.97 11.34
CA HIS C 172 -35.56 -17.57 10.62
C HIS C 172 -35.60 -19.09 10.77
N VAL C 173 -34.43 -19.74 10.89
CA VAL C 173 -34.41 -21.17 11.19
C VAL C 173 -34.95 -21.42 12.59
N LEU C 174 -34.47 -20.63 13.56
CA LEU C 174 -34.95 -20.75 14.94
C LEU C 174 -36.45 -20.54 15.03
N SER C 175 -36.97 -19.47 14.40
CA SER C 175 -38.38 -19.18 14.53
C SER C 175 -39.24 -20.22 13.82
N GLY C 176 -38.69 -20.94 12.85
CA GLY C 176 -39.43 -22.03 12.24
C GLY C 176 -39.69 -23.16 13.20
N GLY C 177 -38.78 -23.39 14.15
CA GLY C 177 -38.97 -24.43 15.15
C GLY C 177 -38.90 -25.84 14.61
N ARG C 178 -38.30 -26.04 13.44
CA ARG C 178 -38.18 -27.35 12.83
C ARG C 178 -36.76 -27.87 12.83
N GLY C 179 -35.82 -27.14 13.40
CA GLY C 179 -34.42 -27.47 13.27
C GLY C 179 -33.90 -27.00 11.93
N GLY C 180 -32.68 -27.43 11.61
CA GLY C 180 -32.06 -26.98 10.38
C GLY C 180 -30.61 -27.40 10.32
N SER C 181 -29.94 -26.94 9.26
CA SER C 181 -28.58 -27.35 8.95
C SER C 181 -27.82 -26.19 8.33
N ILE C 182 -26.64 -25.89 8.88
CA ILE C 182 -25.83 -24.76 8.47
C ILE C 182 -24.45 -25.27 8.05
N VAL C 183 -24.03 -24.91 6.85
CA VAL C 183 -22.74 -25.36 6.29
C VAL C 183 -21.89 -24.14 6.00
N LEU C 184 -20.68 -24.11 6.57
CA LEU C 184 -19.72 -23.06 6.29
C LEU C 184 -18.61 -23.61 5.40
N THR C 185 -18.22 -22.84 4.39
CA THR C 185 -17.14 -23.24 3.51
C THR C 185 -15.83 -22.73 4.10
N SER C 186 -15.03 -23.63 4.64
CA SER C 186 -13.68 -23.29 5.06
C SER C 186 -12.72 -23.63 3.92
N SER C 187 -11.74 -24.49 4.18
CA SER C 187 -10.67 -24.80 3.23
C SER C 187 -9.76 -25.83 3.88
N VAL C 188 -9.02 -26.58 3.04
CA VAL C 188 -7.84 -27.26 3.55
C VAL C 188 -6.99 -26.28 4.36
N GLY C 189 -6.94 -25.02 3.93
CA GLY C 189 -6.28 -23.94 4.63
C GLY C 189 -6.93 -23.51 5.93
N GLY C 190 -8.07 -24.11 6.31
CA GLY C 190 -8.60 -23.90 7.64
C GLY C 190 -8.03 -24.86 8.67
N ARG C 191 -7.20 -25.80 8.22
CA ARG C 191 -6.55 -26.75 9.10
C ARG C 191 -5.04 -26.78 8.94
N LYS C 192 -4.51 -26.31 7.81
CA LYS C 192 -3.06 -26.29 7.64
C LYS C 192 -2.69 -25.13 6.72
N ALA C 193 -1.40 -24.79 6.70
CA ALA C 193 -0.93 -23.61 6.02
C ALA C 193 -0.12 -23.96 4.78
N TYR C 194 -0.30 -23.17 3.73
CA TYR C 194 0.63 -23.16 2.62
C TYR C 194 1.29 -21.80 2.56
N PRO C 195 2.53 -21.70 2.07
CA PRO C 195 3.21 -20.41 2.02
C PRO C 195 2.42 -19.38 1.22
N ASN C 196 2.56 -18.12 1.64
CA ASN C 196 2.14 -16.94 0.88
C ASN C 196 0.63 -16.78 0.83
N THR C 197 -0.10 -17.42 1.74
CA THR C 197 -1.56 -17.32 1.79
C THR C 197 -2.04 -17.04 3.22
N GLY C 198 -1.22 -16.39 4.05
CA GLY C 198 -1.47 -16.41 5.47
C GLY C 198 -2.72 -15.68 5.91
N HIS C 199 -3.11 -14.63 5.19
CA HIS C 199 -4.37 -13.97 5.53
C HIS C 199 -5.56 -14.89 5.26
N TYR C 200 -5.54 -15.59 4.12
CA TYR C 200 -6.56 -16.59 3.83
C TYR C 200 -6.55 -17.70 4.87
N ILE C 201 -5.36 -18.16 5.27
CA ILE C 201 -5.25 -19.23 6.26
C ILE C 201 -5.90 -18.82 7.57
N ALA C 202 -5.60 -17.61 8.03
CA ALA C 202 -6.12 -17.21 9.34
C ALA C 202 -7.63 -17.05 9.30
N ALA C 203 -8.16 -16.49 8.20
CA ALA C 203 -9.61 -16.35 8.05
C ALA C 203 -10.29 -17.72 8.03
N LYS C 204 -9.75 -18.65 7.23
CA LYS C 204 -10.37 -19.96 7.12
C LYS C 204 -10.26 -20.76 8.41
N HIS C 205 -9.18 -20.57 9.19
CA HIS C 205 -9.15 -21.15 10.54
C HIS C 205 -10.24 -20.54 11.40
N GLY C 206 -10.43 -19.21 11.30
CA GLY C 206 -11.51 -18.58 12.05
C GLY C 206 -12.88 -19.13 11.70
N VAL C 207 -13.06 -19.52 10.44
CA VAL C 207 -14.34 -20.11 10.03
C VAL C 207 -14.60 -21.42 10.78
N ILE C 208 -13.57 -22.26 10.95
CA ILE C 208 -13.70 -23.47 11.75
C ILE C 208 -14.19 -23.13 13.16
N GLY C 209 -13.67 -22.04 13.74
CA GLY C 209 -14.13 -21.62 15.06
C GLY C 209 -15.58 -21.16 15.06
N LEU C 210 -16.00 -20.42 14.02
CA LEU C 210 -17.41 -20.09 13.88
C LEU C 210 -18.27 -21.35 13.84
N MET C 211 -17.85 -22.35 13.08
CA MET C 211 -18.63 -23.57 12.98
C MET C 211 -18.82 -24.19 14.35
N ARG C 212 -17.74 -24.31 15.14
CA ARG C 212 -17.83 -24.96 16.44
C ARG C 212 -18.66 -24.15 17.43
N ALA C 213 -18.53 -22.81 17.40
CA ALA C 213 -19.31 -21.96 18.30
C ALA C 213 -20.79 -21.97 17.94
N PHE C 214 -21.12 -21.82 16.65
CA PHE C 214 -22.53 -21.92 16.26
C PHE C 214 -23.07 -23.31 16.56
N ALA C 215 -22.29 -24.35 16.31
CA ALA C 215 -22.77 -25.72 16.57
C ALA C 215 -23.09 -25.92 18.04
N VAL C 216 -22.23 -25.43 18.93
CA VAL C 216 -22.49 -25.59 20.36
C VAL C 216 -23.74 -24.83 20.77
N GLU C 217 -23.89 -23.59 20.29
CA GLU C 217 -25.00 -22.75 20.73
C GLU C 217 -26.32 -23.16 20.11
N LEU C 218 -26.32 -23.65 18.87
CA LEU C 218 -27.56 -23.95 18.16
C LEU C 218 -28.00 -25.40 18.27
N GLY C 219 -27.10 -26.33 18.57
CA GLY C 219 -27.44 -27.72 18.81
C GLY C 219 -28.69 -27.97 19.65
N PRO C 220 -28.80 -27.30 20.80
CA PRO C 220 -30.02 -27.49 21.62
C PRO C 220 -31.31 -27.17 20.88
N HIS C 221 -31.27 -26.43 19.77
CA HIS C 221 -32.46 -26.21 18.96
C HIS C 221 -32.51 -27.14 17.75
N MET C 222 -31.73 -28.22 17.76
CA MET C 222 -31.67 -29.18 16.65
C MET C 222 -31.25 -28.51 15.34
N ILE C 223 -30.35 -27.54 15.44
CA ILE C 223 -29.69 -26.94 14.28
C ILE C 223 -28.26 -27.44 14.23
N ARG C 224 -27.92 -28.16 13.15
CA ARG C 224 -26.58 -28.68 12.95
C ARG C 224 -25.72 -27.63 12.27
N VAL C 225 -24.45 -27.53 12.67
CA VAL C 225 -23.51 -26.61 12.03
C VAL C 225 -22.24 -27.37 11.71
N ASN C 226 -21.91 -27.48 10.43
CA ASN C 226 -20.75 -28.21 9.95
C ASN C 226 -19.98 -27.32 8.98
N ALA C 227 -18.80 -27.79 8.59
CA ALA C 227 -17.97 -27.10 7.61
C ALA C 227 -17.45 -28.08 6.57
N VAL C 228 -17.28 -27.60 5.34
CA VAL C 228 -16.63 -28.34 4.28
C VAL C 228 -15.30 -27.67 4.01
N LEU C 229 -14.26 -28.48 3.77
CA LEU C 229 -12.89 -27.99 3.61
C LEU C 229 -12.37 -28.43 2.24
N PRO C 230 -12.62 -27.65 1.20
CA PRO C 230 -12.19 -28.06 -0.15
C PRO C 230 -10.68 -27.94 -0.33
N THR C 231 -10.14 -28.84 -1.15
CA THR C 231 -8.85 -28.58 -1.76
C THR C 231 -9.08 -27.65 -2.95
N GLN C 232 -8.11 -27.54 -3.87
CA GLN C 232 -8.34 -26.74 -5.08
C GLN C 232 -9.60 -27.21 -5.82
N VAL C 233 -10.45 -26.26 -6.20
CA VAL C 233 -11.68 -26.54 -6.92
C VAL C 233 -11.58 -25.85 -8.28
N SER C 234 -12.09 -26.51 -9.32
CA SER C 234 -11.96 -26.00 -10.68
C SER C 234 -12.91 -24.82 -10.96
N THR C 235 -12.84 -23.76 -10.16
CA THR C 235 -13.64 -22.56 -10.36
C THR C 235 -12.75 -21.39 -10.77
N THR C 236 -13.37 -20.23 -11.00
CA THR C 236 -12.62 -19.03 -11.37
C THR C 236 -11.57 -18.66 -10.31
N MET C 237 -11.80 -19.04 -9.05
CA MET C 237 -10.86 -18.66 -8.00
C MET C 237 -9.51 -19.33 -8.19
N VAL C 238 -9.48 -20.50 -8.83
CA VAL C 238 -8.26 -21.24 -9.07
C VAL C 238 -7.78 -21.11 -10.51
N MET C 239 -8.70 -21.22 -11.48
CA MET C 239 -8.34 -21.23 -12.89
C MET C 239 -8.17 -19.79 -13.38
N ASN C 240 -6.99 -19.23 -13.10
CA ASN C 240 -6.69 -17.87 -13.55
C ASN C 240 -5.17 -17.72 -13.64
N ASP C 241 -4.74 -16.71 -14.39
CA ASP C 241 -3.32 -16.56 -14.69
C ASP C 241 -2.49 -16.33 -13.42
N GLN C 242 -3.02 -15.56 -12.47
CA GLN C 242 -2.28 -15.30 -11.23
C GLN C 242 -2.04 -16.58 -10.44
N THR C 243 -3.05 -17.45 -10.34
CA THR C 243 -2.87 -18.69 -9.61
C THR C 243 -1.89 -19.61 -10.31
N PHE C 244 -1.97 -19.68 -11.64
CA PHE C 244 -1.01 -20.46 -12.41
C PHE C 244 0.42 -19.95 -12.21
N ARG C 245 0.59 -18.66 -11.96
CA ARG C 245 1.92 -18.10 -11.75
C ARG C 245 2.38 -18.24 -10.29
N LEU C 246 1.47 -18.10 -9.32
CA LEU C 246 1.83 -18.40 -7.94
C LEU C 246 2.25 -19.85 -7.75
N PHE C 247 1.79 -20.76 -8.62
CA PHE C 247 2.16 -22.16 -8.56
C PHE C 247 3.33 -22.52 -9.45
N ARG C 248 3.56 -21.77 -10.54
CA ARG C 248 4.61 -22.08 -11.51
C ARG C 248 5.43 -20.85 -11.84
N PRO C 249 6.21 -20.33 -10.87
CA PRO C 249 7.06 -19.17 -11.17
C PRO C 249 8.02 -19.40 -12.33
N ASP C 250 8.34 -20.65 -12.65
CA ASP C 250 9.32 -20.97 -13.67
C ASP C 250 8.80 -20.73 -15.10
N LEU C 251 7.49 -20.71 -15.29
CA LEU C 251 6.91 -20.62 -16.63
C LEU C 251 6.52 -19.18 -16.95
N GLU C 252 6.49 -18.87 -18.25
CA GLU C 252 6.18 -17.51 -18.70
C GLU C 252 4.68 -17.26 -18.69
N ASN C 253 3.93 -18.01 -19.49
CA ASN C 253 2.47 -17.98 -19.51
C ASN C 253 1.95 -19.36 -19.13
N PRO C 254 2.06 -19.76 -17.86
CA PRO C 254 1.58 -21.09 -17.46
C PRO C 254 0.07 -21.20 -17.62
N GLY C 255 -0.37 -22.36 -18.11
CA GLY C 255 -1.77 -22.67 -18.20
C GLY C 255 -2.18 -23.80 -17.26
N PRO C 256 -3.43 -24.25 -17.36
CA PRO C 256 -3.92 -25.29 -16.44
C PRO C 256 -3.10 -26.56 -16.46
N ASP C 257 -2.55 -26.93 -17.62
CA ASP C 257 -1.76 -28.16 -17.72
C ASP C 257 -0.43 -28.03 -16.99
N ASP C 258 0.10 -26.82 -16.87
CA ASP C 258 1.32 -26.61 -16.10
C ASP C 258 1.03 -26.52 -14.62
N PHE C 259 -0.17 -26.04 -14.28
CA PHE C 259 -0.61 -25.95 -12.90
C PHE C 259 -0.97 -27.32 -12.33
N ALA C 260 -1.66 -28.15 -13.11
CA ALA C 260 -2.18 -29.43 -12.62
C ALA C 260 -1.14 -30.33 -11.95
N PRO C 261 0.08 -30.52 -12.49
CA PRO C 261 1.02 -31.42 -11.83
C PRO C 261 1.42 -30.96 -10.44
N ILE C 262 1.57 -29.66 -10.24
CA ILE C 262 1.94 -29.14 -8.92
C ILE C 262 0.78 -29.27 -7.96
N SER C 263 -0.40 -28.81 -8.37
CA SER C 263 -1.60 -28.97 -7.57
C SER C 263 -1.81 -30.44 -7.18
N GLN C 264 -1.54 -31.38 -8.09
CA GLN C 264 -1.79 -32.79 -7.80
C GLN C 264 -0.81 -33.34 -6.76
N MET C 265 0.42 -32.80 -6.70
CA MET C 265 1.38 -33.23 -5.70
C MET C 265 0.91 -32.99 -4.27
N MET C 266 -0.04 -32.07 -4.08
CA MET C 266 -0.59 -31.82 -2.75
C MET C 266 -1.62 -32.85 -2.32
N HIS C 267 -2.01 -33.75 -3.22
CA HIS C 267 -3.10 -34.71 -2.97
C HIS C 267 -2.58 -36.12 -2.80
N THR C 268 -3.40 -36.94 -2.14
CA THR C 268 -3.17 -38.37 -2.03
C THR C 268 -3.78 -39.14 -3.20
N LEU C 269 -4.97 -38.74 -3.66
CA LEU C 269 -5.56 -39.29 -4.87
C LEU C 269 -4.93 -38.60 -6.08
N PRO C 270 -4.62 -39.37 -7.19
CA PRO C 270 -3.95 -38.78 -8.36
C PRO C 270 -4.87 -37.90 -9.21
N VAL C 271 -5.37 -36.81 -8.63
CA VAL C 271 -6.14 -35.82 -9.40
C VAL C 271 -5.62 -34.42 -9.07
N PRO C 272 -5.75 -33.46 -9.97
CA PRO C 272 -5.16 -32.14 -9.72
C PRO C 272 -6.08 -31.20 -8.96
N TRP C 273 -7.38 -31.49 -8.94
CA TRP C 273 -8.37 -30.64 -8.28
C TRP C 273 -9.68 -31.41 -8.23
N VAL C 274 -10.63 -30.90 -7.46
CA VAL C 274 -11.98 -31.44 -7.45
C VAL C 274 -12.90 -30.43 -8.14
N ASP C 275 -14.12 -30.86 -8.46
CA ASP C 275 -15.06 -29.98 -9.13
C ASP C 275 -16.09 -29.45 -8.14
N ALA C 276 -16.76 -28.38 -8.54
CA ALA C 276 -17.79 -27.79 -7.69
C ALA C 276 -18.84 -28.83 -7.33
N SER C 277 -19.16 -29.74 -8.25
CA SER C 277 -20.13 -30.78 -7.97
C SER C 277 -19.70 -31.67 -6.81
N ASP C 278 -18.39 -31.82 -6.58
CA ASP C 278 -17.93 -32.60 -5.43
C ASP C 278 -18.23 -31.89 -4.12
N ILE C 279 -18.06 -30.56 -4.07
CA ILE C 279 -18.40 -29.83 -2.86
C ILE C 279 -19.91 -29.86 -2.65
N SER C 280 -20.69 -29.69 -3.73
CA SER C 280 -22.15 -29.68 -3.62
C SER C 280 -22.69 -31.01 -3.11
N ASN C 281 -22.05 -32.13 -3.48
CA ASN C 281 -22.50 -33.42 -2.97
C ASN C 281 -22.26 -33.54 -1.47
N ALA C 282 -21.15 -32.99 -0.97
CA ALA C 282 -20.93 -32.97 0.47
C ALA C 282 -21.92 -32.04 1.18
N VAL C 283 -22.19 -30.87 0.57
CA VAL C 283 -23.16 -29.94 1.16
C VAL C 283 -24.54 -30.56 1.19
N LEU C 284 -24.90 -31.30 0.15
CA LEU C 284 -26.20 -31.97 0.10
C LEU C 284 -26.34 -32.99 1.21
N PHE C 285 -25.30 -33.78 1.45
CA PHE C 285 -25.32 -34.74 2.56
C PHE C 285 -25.53 -34.03 3.89
N LEU C 286 -24.78 -32.95 4.14
CA LEU C 286 -24.94 -32.21 5.38
C LEU C 286 -26.30 -31.51 5.45
N ALA C 287 -26.88 -31.14 4.30
CA ALA C 287 -28.13 -30.40 4.32
C ALA C 287 -29.32 -31.30 4.55
N SER C 288 -29.24 -32.57 4.16
CA SER C 288 -30.36 -33.51 4.20
C SER C 288 -30.49 -34.18 5.57
N ASP C 289 -31.65 -34.82 5.78
CA ASP C 289 -31.87 -35.62 6.97
C ASP C 289 -31.03 -36.89 7.01
N GLU C 290 -30.31 -37.21 5.93
CA GLU C 290 -29.33 -38.28 6.01
C GLU C 290 -28.20 -37.95 6.97
N SER C 291 -28.05 -36.68 7.37
CA SER C 291 -27.04 -36.27 8.33
C SER C 291 -27.67 -35.63 9.56
N ARG C 292 -28.90 -36.04 9.89
CA ARG C 292 -29.70 -35.40 10.93
C ARG C 292 -28.99 -35.30 12.28
N TYR C 293 -28.04 -36.20 12.56
CA TYR C 293 -27.33 -36.14 13.85
C TYR C 293 -25.84 -35.85 13.67
N VAL C 294 -25.45 -35.21 12.56
CA VAL C 294 -24.08 -34.86 12.27
C VAL C 294 -23.94 -33.37 12.53
N THR C 295 -23.14 -32.99 13.52
CA THR C 295 -22.89 -31.58 13.79
C THR C 295 -21.50 -31.41 14.36
N GLY C 296 -20.93 -30.22 14.18
CA GLY C 296 -19.59 -29.91 14.66
C GLY C 296 -18.46 -30.50 13.84
N VAL C 297 -18.75 -30.98 12.63
CA VAL C 297 -17.79 -31.75 11.83
C VAL C 297 -17.09 -30.84 10.82
N SER C 298 -15.78 -31.05 10.66
CA SER C 298 -15.01 -30.48 9.57
C SER C 298 -14.86 -31.56 8.50
N LEU C 299 -15.59 -31.42 7.39
CA LEU C 299 -15.62 -32.46 6.38
C LEU C 299 -14.72 -32.05 5.21
N PRO C 300 -13.50 -32.57 5.11
CA PRO C 300 -12.65 -32.27 3.95
C PRO C 300 -13.19 -32.93 2.69
N VAL C 301 -13.18 -32.17 1.60
CA VAL C 301 -13.34 -32.75 0.28
C VAL C 301 -12.05 -32.37 -0.43
N ASP C 302 -10.97 -33.10 -0.11
CA ASP C 302 -9.64 -32.56 -0.33
C ASP C 302 -8.71 -33.51 -1.08
N ALA C 303 -9.24 -34.58 -1.68
CA ALA C 303 -8.44 -35.58 -2.40
C ALA C 303 -7.29 -36.13 -1.54
N GLY C 304 -7.46 -36.09 -0.22
CA GLY C 304 -6.42 -36.56 0.68
C GLY C 304 -5.33 -35.56 1.02
N SER C 305 -5.55 -34.26 0.77
N SER C 305 -5.57 -34.26 0.81
CA SER C 305 -4.55 -33.23 1.08
CA SER C 305 -4.53 -33.27 1.06
C SER C 305 -4.09 -33.32 2.52
C SER C 305 -4.10 -33.25 2.52
N LEU C 306 -5.04 -33.47 3.44
CA LEU C 306 -4.77 -33.40 4.88
C LEU C 306 -4.11 -34.67 5.44
N LEU C 307 -3.88 -35.66 4.59
CA LEU C 307 -3.05 -36.81 4.97
C LEU C 307 -1.56 -36.55 4.85
N LYS C 308 -1.14 -35.47 4.18
CA LYS C 308 0.30 -35.22 3.99
C LYS C 308 1.01 -34.87 5.28
N THR D 32 24.16 -19.93 34.16
CA THR D 32 23.64 -19.27 32.96
C THR D 32 22.14 -19.53 32.80
N GLY D 33 21.40 -18.48 32.47
CA GLY D 33 19.98 -18.62 32.26
C GLY D 33 19.63 -19.32 30.96
N ARG D 34 18.42 -19.87 30.93
CA ARG D 34 17.97 -20.67 29.79
C ARG D 34 17.67 -19.85 28.55
N VAL D 35 17.57 -18.52 28.67
CA VAL D 35 17.50 -17.66 27.49
C VAL D 35 18.54 -16.55 27.65
N ALA D 36 19.72 -16.91 28.15
CA ALA D 36 20.79 -15.94 28.35
C ALA D 36 21.21 -15.29 27.04
N GLY D 37 21.40 -13.97 27.07
CA GLY D 37 21.84 -13.23 25.91
C GLY D 37 20.75 -12.86 24.92
N LYS D 38 19.53 -13.33 25.11
CA LYS D 38 18.46 -13.08 24.15
C LYS D 38 17.73 -11.78 24.49
N VAL D 39 16.90 -11.34 23.56
CA VAL D 39 15.97 -10.23 23.77
C VAL D 39 14.58 -10.70 23.37
N ALA D 40 13.60 -10.45 24.24
CA ALA D 40 12.22 -10.89 24.01
C ALA D 40 11.31 -9.67 23.92
N PHE D 41 10.44 -9.66 22.91
CA PHE D 41 9.42 -8.65 22.71
C PHE D 41 8.08 -9.24 23.13
N ILE D 42 7.44 -8.65 24.14
CA ILE D 42 6.22 -9.19 24.73
C ILE D 42 5.11 -8.15 24.62
N SER D 43 4.02 -8.50 23.95
CA SER D 43 2.85 -7.63 23.93
C SER D 43 1.95 -7.94 25.13
N GLY D 44 1.30 -6.88 25.64
CA GLY D 44 0.43 -7.03 26.79
C GLY D 44 1.14 -7.26 28.10
N ALA D 45 2.31 -6.64 28.27
CA ALA D 45 3.20 -6.94 29.39
C ALA D 45 2.92 -6.10 30.66
N ALA D 46 1.82 -5.33 30.70
CA ALA D 46 1.61 -4.47 31.86
C ALA D 46 1.25 -5.27 33.11
N ARG D 47 0.64 -6.44 32.94
CA ARG D 47 0.17 -7.23 34.08
C ARG D 47 -0.12 -8.64 33.58
N GLY D 48 -0.62 -9.48 34.48
CA GLY D 48 -1.15 -10.76 34.08
C GLY D 48 -0.08 -11.67 33.49
N GLN D 49 -0.47 -12.43 32.47
CA GLN D 49 0.48 -13.38 31.86
C GLN D 49 1.65 -12.64 31.23
N GLY D 50 1.40 -11.49 30.61
CA GLY D 50 2.47 -10.76 29.93
C GLY D 50 3.55 -10.25 30.88
N ARG D 51 3.14 -9.74 32.04
CA ARG D 51 4.11 -9.37 33.06
C ARG D 51 4.90 -10.59 33.51
N SER D 52 4.18 -11.67 33.82
CA SER D 52 4.84 -12.91 34.24
C SER D 52 5.84 -13.40 33.18
N HIS D 53 5.47 -13.33 31.88
CA HIS D 53 6.42 -13.73 30.83
C HIS D 53 7.69 -12.89 30.87
N ALA D 54 7.53 -11.57 31.07
CA ALA D 54 8.68 -10.66 31.13
C ALA D 54 9.57 -10.99 32.31
N VAL D 55 8.98 -11.16 33.49
CA VAL D 55 9.77 -11.48 34.68
C VAL D 55 10.44 -12.83 34.52
N ARG D 56 9.70 -13.82 34.03
CA ARG D 56 10.25 -15.17 33.93
C ARG D 56 11.37 -15.24 32.90
N LEU D 57 11.19 -14.60 31.74
CA LEU D 57 12.26 -14.56 30.75
C LEU D 57 13.45 -13.75 31.25
N ALA D 58 13.20 -12.70 32.03
CA ALA D 58 14.30 -11.92 32.59
C ALA D 58 15.07 -12.69 33.65
N GLN D 59 14.36 -13.46 34.49
CA GLN D 59 15.04 -14.35 35.43
C GLN D 59 16.02 -15.27 34.74
N GLU D 60 15.72 -15.66 33.49
CA GLU D 60 16.56 -16.57 32.73
C GLU D 60 17.50 -15.87 31.77
N GLY D 61 17.68 -14.55 31.92
CA GLY D 61 18.79 -13.85 31.28
C GLY D 61 18.44 -12.95 30.10
N ALA D 62 17.18 -12.82 29.71
CA ALA D 62 16.83 -12.05 28.52
C ALA D 62 16.46 -10.62 28.86
N ASP D 63 16.94 -9.68 28.05
CA ASP D 63 16.42 -8.32 28.09
C ASP D 63 15.05 -8.27 27.41
N ILE D 64 14.26 -7.26 27.77
CA ILE D 64 12.83 -7.25 27.50
C ILE D 64 12.43 -6.01 26.72
N ILE D 65 11.60 -6.18 25.70
CA ILE D 65 10.82 -5.09 25.12
C ILE D 65 9.37 -5.35 25.48
N ALA D 66 8.78 -4.44 26.25
CA ALA D 66 7.48 -4.67 26.86
C ALA D 66 6.51 -3.56 26.44
N ILE D 67 5.42 -3.93 25.78
CA ILE D 67 4.42 -2.95 25.35
C ILE D 67 3.05 -3.35 25.87
N ASP D 68 2.20 -2.34 26.08
CA ASP D 68 0.84 -2.54 26.56
C ASP D 68 0.06 -1.25 26.30
N ILE D 69 -1.25 -1.38 26.03
CA ILE D 69 -2.03 -0.18 25.73
C ILE D 69 -2.14 0.71 26.97
N CYS D 70 -2.17 0.12 28.17
CA CYS D 70 -2.15 0.86 29.42
C CYS D 70 -3.32 1.84 29.51
N GLY D 71 -4.48 1.44 28.99
CA GLY D 71 -5.62 2.32 28.94
C GLY D 71 -6.91 1.58 28.66
N PRO D 72 -8.02 2.29 28.65
CA PRO D 72 -9.33 1.65 28.49
C PRO D 72 -9.50 1.01 27.12
N ILE D 73 -10.43 0.05 27.08
CA ILE D 73 -10.83 -0.63 25.86
C ILE D 73 -12.35 -0.71 25.89
N GLU D 74 -12.98 -0.43 24.75
CA GLU D 74 -14.43 -0.39 24.72
C GLU D 74 -15.01 -1.78 25.00
N ASN D 75 -16.08 -1.82 25.79
CA ASN D 75 -16.84 -3.01 26.15
C ASN D 75 -16.03 -3.99 26.97
N LEU D 76 -14.98 -3.54 27.65
CA LEU D 76 -14.17 -4.44 28.45
C LEU D 76 -14.94 -4.87 29.70
N ALA D 77 -14.90 -6.16 29.99
CA ALA D 77 -15.71 -6.77 31.04
C ALA D 77 -15.07 -6.71 32.43
N TYR D 78 -13.99 -5.95 32.59
CA TYR D 78 -13.19 -5.96 33.81
C TYR D 78 -12.29 -4.73 33.80
N PRO D 79 -11.58 -4.41 34.88
CA PRO D 79 -10.71 -3.23 34.86
C PRO D 79 -9.60 -3.36 33.81
N HIS D 80 -9.24 -2.22 33.23
CA HIS D 80 -8.17 -2.20 32.24
C HIS D 80 -6.82 -1.91 32.91
N SER D 81 -5.76 -1.97 32.13
CA SER D 81 -4.43 -1.72 32.66
C SER D 81 -4.11 -0.24 32.63
N THR D 82 -3.13 0.15 33.43
CA THR D 82 -2.69 1.51 33.62
C THR D 82 -1.22 1.65 33.25
N PRO D 83 -0.74 2.88 33.05
CA PRO D 83 0.71 3.07 32.87
C PRO D 83 1.52 2.62 34.08
N GLU D 84 0.94 2.72 35.27
CA GLU D 84 1.62 2.29 36.47
C GLU D 84 1.80 0.77 36.49
N ASP D 85 0.86 0.02 35.91
CA ASP D 85 1.05 -1.41 35.77
C ASP D 85 2.32 -1.73 34.98
N LEU D 86 2.51 -1.09 33.82
CA LEU D 86 3.68 -1.37 32.99
C LEU D 86 4.96 -0.92 33.68
N ALA D 87 4.96 0.26 34.31
CA ALA D 87 6.13 0.71 35.04
C ALA D 87 6.49 -0.25 36.17
N GLU D 88 5.50 -0.92 36.76
CA GLU D 88 5.79 -1.95 37.75
C GLU D 88 6.43 -3.18 37.11
N THR D 89 5.99 -3.57 35.90
CA THR D 89 6.67 -4.67 35.21
C THR D 89 8.12 -4.29 34.93
N ALA D 90 8.36 -3.05 34.52
CA ALA D 90 9.73 -2.60 34.28
C ALA D 90 10.56 -2.66 35.55
N ASP D 91 9.99 -2.24 36.69
CA ASP D 91 10.73 -2.29 37.94
C ASP D 91 11.13 -3.71 38.30
N LEU D 92 10.22 -4.67 38.07
CA LEU D 92 10.50 -6.07 38.41
C LEU D 92 11.61 -6.64 37.54
N VAL D 93 11.62 -6.30 36.25
CA VAL D 93 12.70 -6.76 35.38
C VAL D 93 14.01 -6.05 35.74
N LYS D 94 13.95 -4.73 35.98
CA LYS D 94 15.16 -4.02 36.39
C LYS D 94 15.71 -4.54 37.71
N ASP D 95 14.83 -5.03 38.59
CA ASP D 95 15.32 -5.65 39.82
C ASP D 95 16.13 -6.91 39.56
N LEU D 96 15.95 -7.54 38.40
CA LEU D 96 16.73 -8.71 38.04
C LEU D 96 18.01 -8.35 37.30
N ASP D 97 18.41 -7.07 37.36
CA ASP D 97 19.64 -6.60 36.69
C ASP D 97 19.57 -6.85 35.18
N ARG D 98 18.38 -6.69 34.61
CA ARG D 98 18.15 -6.87 33.18
C ARG D 98 17.68 -5.55 32.57
N ARG D 99 17.95 -5.39 31.28
CA ARG D 99 17.49 -4.21 30.57
C ARG D 99 16.06 -4.42 30.08
N ILE D 100 15.29 -3.33 30.07
CA ILE D 100 13.91 -3.39 29.59
C ILE D 100 13.57 -2.08 28.91
N VAL D 101 12.86 -2.19 27.78
CA VAL D 101 12.31 -1.04 27.07
C VAL D 101 10.80 -1.17 27.07
N THR D 102 10.11 -0.13 27.54
CA THR D 102 8.65 -0.14 27.61
C THR D 102 8.06 0.87 26.65
N ALA D 103 6.81 0.63 26.23
CA ALA D 103 6.10 1.58 25.38
C ALA D 103 4.60 1.37 25.53
N GLN D 104 3.86 2.47 25.67
CA GLN D 104 2.40 2.41 25.70
C GLN D 104 1.88 2.49 24.27
N VAL D 105 1.40 1.37 23.74
CA VAL D 105 0.95 1.34 22.36
C VAL D 105 -0.16 0.29 22.22
N ASP D 106 -1.11 0.58 21.33
CA ASP D 106 -2.19 -0.33 20.97
C ASP D 106 -1.75 -1.21 19.81
N VAL D 107 -1.85 -2.53 19.97
CA VAL D 107 -1.45 -3.44 18.90
C VAL D 107 -2.32 -3.29 17.66
N ARG D 108 -3.47 -2.60 17.78
CA ARG D 108 -4.24 -2.26 16.58
C ARG D 108 -3.53 -1.23 15.70
N ASP D 109 -2.54 -0.52 16.24
CA ASP D 109 -1.88 0.58 15.55
C ASP D 109 -0.52 0.05 15.09
N PHE D 110 -0.50 -0.56 13.91
CA PHE D 110 0.73 -1.24 13.48
C PHE D 110 1.91 -0.29 13.39
N GLU D 111 1.69 0.93 12.86
CA GLU D 111 2.80 1.85 12.68
C GLU D 111 3.40 2.27 14.01
N ALA D 112 2.56 2.59 14.99
CA ALA D 112 3.07 2.88 16.32
C ALA D 112 3.73 1.65 16.93
N LEU D 113 3.12 0.47 16.75
CA LEU D 113 3.73 -0.76 17.25
C LEU D 113 5.10 -0.99 16.62
N LYS D 114 5.20 -0.87 15.30
CA LYS D 114 6.49 -1.05 14.63
C LYS D 114 7.51 -0.05 15.13
N SER D 115 7.09 1.20 15.36
N SER D 115 7.10 1.21 15.35
CA SER D 115 8.02 2.23 15.81
CA SER D 115 8.04 2.24 15.80
C SER D 115 8.58 1.91 17.19
C SER D 115 8.58 1.90 17.19
N ALA D 116 7.72 1.40 18.08
CA ALA D 116 8.18 1.04 19.41
C ALA D 116 9.13 -0.16 19.37
N VAL D 117 8.82 -1.17 18.56
CA VAL D 117 9.71 -2.33 18.46
C VAL D 117 11.05 -1.92 17.88
N ASP D 118 11.01 -1.14 16.78
CA ASP D 118 12.25 -0.70 16.13
C ASP D 118 13.14 0.04 17.12
N SER D 119 12.56 0.93 17.92
CA SER D 119 13.34 1.66 18.92
C SER D 119 13.90 0.74 19.98
N GLY D 120 13.10 -0.24 20.43
CA GLY D 120 13.59 -1.18 21.42
C GLY D 120 14.75 -2.03 20.91
N VAL D 121 14.64 -2.50 19.67
CA VAL D 121 15.71 -3.31 19.10
C VAL D 121 16.95 -2.45 18.87
N GLU D 122 16.74 -1.18 18.48
CA GLU D 122 17.88 -0.27 18.38
C GLU D 122 18.61 -0.15 19.71
N GLN D 123 17.86 -0.15 20.83
CA GLN D 123 18.48 0.06 22.13
C GLN D 123 19.11 -1.21 22.69
N LEU D 124 18.47 -2.36 22.48
CA LEU D 124 18.95 -3.63 23.03
C LEU D 124 19.84 -4.40 22.06
N GLY D 125 19.80 -4.10 20.77
CA GLY D 125 20.76 -4.63 19.81
C GLY D 125 20.33 -5.87 19.04
N ARG D 126 19.27 -6.56 19.48
CA ARG D 126 18.83 -7.76 18.80
C ARG D 126 17.37 -8.04 19.15
N LEU D 127 16.81 -9.04 18.48
CA LEU D 127 15.51 -9.60 18.86
C LEU D 127 15.51 -11.08 18.54
N ASP D 128 15.23 -11.90 19.55
CA ASP D 128 15.24 -13.35 19.39
C ASP D 128 13.90 -14.01 19.70
N ILE D 129 13.11 -13.44 20.60
CA ILE D 129 11.87 -14.06 21.08
C ILE D 129 10.73 -13.05 20.91
N ILE D 130 9.57 -13.53 20.44
CA ILE D 130 8.37 -12.72 20.35
C ILE D 130 7.24 -13.48 21.01
N VAL D 131 6.55 -12.83 21.96
CA VAL D 131 5.44 -13.43 22.67
C VAL D 131 4.21 -12.54 22.45
N ALA D 132 3.32 -12.95 21.54
CA ALA D 132 2.11 -12.20 21.22
C ALA D 132 1.00 -12.54 22.22
N ASN D 133 1.04 -11.86 23.37
CA ASN D 133 0.19 -12.20 24.49
C ASN D 133 -0.98 -11.24 24.68
N ALA D 134 -0.88 -10.00 24.21
CA ALA D 134 -1.94 -9.02 24.41
C ALA D 134 -3.30 -9.55 23.94
N GLY D 135 -4.33 -9.34 24.74
CA GLY D 135 -5.66 -9.79 24.36
C GLY D 135 -6.70 -9.33 25.35
N VAL D 136 -7.97 -9.52 24.96
CA VAL D 136 -9.13 -9.10 25.76
C VAL D 136 -10.16 -10.22 25.79
N GLY D 137 -11.00 -10.17 26.83
CA GLY D 137 -12.30 -10.82 26.83
C GLY D 137 -13.39 -9.79 27.02
N THR D 138 -14.34 -9.69 26.09
CA THR D 138 -15.43 -8.72 26.21
C THR D 138 -16.78 -9.40 26.05
N ASP D 139 -17.81 -8.75 26.59
CA ASP D 139 -19.20 -9.03 26.23
C ASP D 139 -19.63 -10.41 26.70
N GLY D 140 -20.18 -11.22 25.79
CA GLY D 140 -20.77 -12.50 26.14
C GLY D 140 -22.25 -12.57 25.80
N ARG D 141 -22.59 -12.77 24.53
CA ARG D 141 -23.96 -13.00 24.11
C ARG D 141 -23.98 -14.17 23.12
N LYS D 142 -25.18 -14.65 22.81
CA LYS D 142 -25.32 -15.62 21.73
C LYS D 142 -24.69 -15.06 20.46
N LEU D 143 -24.00 -15.93 19.70
CA LEU D 143 -23.14 -15.43 18.62
C LEU D 143 -23.91 -14.65 17.57
N HIS D 144 -25.16 -15.04 17.30
CA HIS D 144 -25.98 -14.30 16.36
C HIS D 144 -26.60 -13.05 16.96
N LYS D 145 -26.29 -12.72 18.22
CA LYS D 145 -26.76 -11.49 18.83
C LYS D 145 -25.63 -10.51 19.15
N ILE D 146 -24.37 -10.91 18.97
CA ILE D 146 -23.25 -10.02 19.23
C ILE D 146 -23.29 -8.85 18.25
N ARG D 147 -23.11 -7.64 18.77
CA ARG D 147 -23.16 -6.44 17.92
C ARG D 147 -21.94 -6.36 17.02
N ASP D 148 -22.09 -5.64 15.91
CA ASP D 148 -21.04 -5.64 14.91
C ASP D 148 -19.73 -5.08 15.46
N ASN D 149 -19.78 -4.00 16.23
CA ASN D 149 -18.56 -3.38 16.72
C ASN D 149 -17.94 -4.17 17.86
N VAL D 150 -18.73 -4.98 18.57
CA VAL D 150 -18.18 -5.85 19.60
C VAL D 150 -17.42 -7.02 18.97
N TRP D 151 -18.00 -7.63 17.94
CA TRP D 151 -17.27 -8.60 17.13
C TRP D 151 -15.98 -8.01 16.57
N GLN D 152 -16.06 -6.79 16.03
CA GLN D 152 -14.93 -6.23 15.30
C GLN D 152 -13.77 -5.88 16.23
N ASP D 153 -14.08 -5.27 17.38
CA ASP D 153 -13.04 -5.03 18.38
C ASP D 153 -12.33 -6.32 18.78
N MET D 154 -13.10 -7.40 18.94
CA MET D 154 -12.51 -8.68 19.33
C MET D 154 -11.58 -9.20 18.23
N ILE D 155 -12.02 -9.17 16.98
CA ILE D 155 -11.15 -9.59 15.90
C ILE D 155 -9.95 -8.67 15.79
N ASP D 156 -10.16 -7.34 15.91
CA ASP D 156 -9.06 -6.39 15.77
C ASP D 156 -7.96 -6.66 16.80
N ILE D 157 -8.33 -6.89 18.05
CA ILE D 157 -7.34 -7.04 19.11
C ILE D 157 -6.78 -8.46 19.12
N ASN D 158 -7.65 -9.46 19.19
CA ASN D 158 -7.18 -10.82 19.50
C ASN D 158 -6.70 -11.58 18.28
N LEU D 159 -6.99 -11.11 17.07
CA LEU D 159 -6.50 -11.76 15.85
C LEU D 159 -5.59 -10.83 15.07
N THR D 160 -6.13 -9.72 14.54
CA THR D 160 -5.30 -8.78 13.79
C THR D 160 -4.16 -8.24 14.65
N GLY D 161 -4.42 -8.01 15.94
CA GLY D 161 -3.38 -7.48 16.81
C GLY D 161 -2.23 -8.45 17.00
N VAL D 162 -2.52 -9.75 17.00
CA VAL D 162 -1.48 -10.76 17.07
C VAL D 162 -0.65 -10.75 15.79
N TRP D 163 -1.32 -10.69 14.63
CA TRP D 163 -0.63 -10.57 13.35
C TRP D 163 0.28 -9.34 13.34
N HIS D 164 -0.25 -8.17 13.72
CA HIS D 164 0.54 -6.94 13.83
C HIS D 164 1.78 -7.14 14.71
N THR D 165 1.62 -7.84 15.83
CA THR D 165 2.72 -8.02 16.77
C THR D 165 3.84 -8.86 16.15
N VAL D 166 3.50 -9.98 15.51
CA VAL D 166 4.53 -10.77 14.86
C VAL D 166 5.15 -9.99 13.70
N LYS D 167 4.30 -9.33 12.90
CA LYS D 167 4.78 -8.59 11.74
C LYS D 167 5.79 -7.51 12.14
N ALA D 168 5.56 -6.86 13.29
CA ALA D 168 6.45 -5.80 13.74
C ALA D 168 7.80 -6.34 14.20
N GLY D 169 7.81 -7.51 14.82
CA GLY D 169 9.04 -8.04 15.36
C GLY D 169 9.89 -8.86 14.39
N VAL D 170 9.25 -9.62 13.51
CA VAL D 170 9.99 -10.68 12.81
C VAL D 170 11.05 -10.13 11.85
N PRO D 171 10.94 -8.93 11.25
CA PRO D 171 12.08 -8.47 10.44
C PRO D 171 13.38 -8.38 11.22
N HIS D 172 13.30 -8.10 12.53
CA HIS D 172 14.51 -7.98 13.36
C HIS D 172 15.06 -9.34 13.76
N VAL D 173 14.19 -10.34 13.95
CA VAL D 173 14.68 -11.69 14.16
C VAL D 173 15.36 -12.20 12.90
N LEU D 174 14.72 -11.99 11.75
CA LEU D 174 15.30 -12.39 10.47
C LEU D 174 16.65 -11.72 10.22
N SER D 175 16.72 -10.39 10.34
CA SER D 175 17.98 -9.72 10.04
C SER D 175 19.09 -10.10 11.01
N GLY D 176 18.75 -10.52 12.23
CA GLY D 176 19.77 -11.01 13.15
C GLY D 176 20.44 -12.30 12.66
N GLY D 177 19.73 -13.10 11.88
CA GLY D 177 20.34 -14.25 11.26
C GLY D 177 20.72 -15.36 12.23
N ARG D 178 20.13 -15.40 13.42
CA ARG D 178 20.45 -16.40 14.43
C ARG D 178 19.30 -17.35 14.70
N GLY D 179 18.24 -17.31 13.89
CA GLY D 179 17.04 -18.03 14.28
C GLY D 179 16.33 -17.31 15.41
N GLY D 180 15.26 -17.95 15.90
CA GLY D 180 14.47 -17.36 16.95
C GLY D 180 13.26 -18.21 17.26
N SER D 181 12.43 -17.70 18.17
CA SER D 181 11.27 -18.44 18.65
C SER D 181 10.12 -17.49 18.92
N ILE D 182 8.95 -17.81 18.37
CA ILE D 182 7.77 -16.94 18.44
C ILE D 182 6.64 -17.74 19.09
N VAL D 183 5.99 -17.13 20.08
CA VAL D 183 4.90 -17.78 20.82
C VAL D 183 3.67 -16.90 20.73
N LEU D 184 2.56 -17.48 20.24
CA LEU D 184 1.26 -16.80 20.19
C LEU D 184 0.38 -17.33 21.31
N THR D 185 -0.27 -16.43 22.04
CA THR D 185 -1.19 -16.85 23.08
C THR D 185 -2.57 -17.05 22.45
N SER D 186 -2.97 -18.31 22.30
CA SER D 186 -4.33 -18.61 21.86
C SER D 186 -5.19 -18.84 23.11
N SER D 187 -5.82 -20.02 23.21
CA SER D 187 -6.73 -20.36 24.30
C SER D 187 -7.24 -21.78 24.05
N VAL D 188 -7.77 -22.40 25.11
CA VAL D 188 -8.59 -23.59 24.89
C VAL D 188 -9.68 -23.29 23.86
N GLY D 189 -10.19 -22.07 23.85
CA GLY D 189 -11.13 -21.55 22.87
C GLY D 189 -10.55 -21.39 21.48
N GLY D 190 -9.25 -21.66 21.31
CA GLY D 190 -8.68 -21.78 19.98
C GLY D 190 -8.88 -23.14 19.34
N ARG D 191 -9.39 -24.11 20.11
CA ARG D 191 -9.62 -25.48 19.63
C ARG D 191 -11.04 -25.98 19.92
N LYS D 192 -11.74 -25.43 20.89
CA LYS D 192 -13.14 -25.78 21.08
C LYS D 192 -13.90 -24.56 21.54
N ALA D 193 -15.23 -24.65 21.44
CA ALA D 193 -16.10 -23.54 21.72
C ALA D 193 -16.83 -23.74 23.05
N TYR D 194 -17.05 -22.64 23.74
CA TYR D 194 -17.97 -22.53 24.85
C TYR D 194 -19.08 -21.54 24.49
N PRO D 195 -20.29 -21.76 24.99
CA PRO D 195 -21.39 -20.85 24.65
C PRO D 195 -21.09 -19.40 25.03
N ASN D 196 -21.62 -18.49 24.21
CA ASN D 196 -21.66 -17.05 24.47
C ASN D 196 -20.30 -16.36 24.37
N THR D 197 -19.31 -17.02 23.77
CA THR D 197 -17.98 -16.44 23.61
C THR D 197 -17.53 -16.50 22.16
N GLY D 198 -18.50 -16.53 21.24
CA GLY D 198 -18.21 -16.94 19.87
C GLY D 198 -17.23 -16.06 19.14
N HIS D 199 -17.27 -14.74 19.40
CA HIS D 199 -16.30 -13.85 18.76
C HIS D 199 -14.88 -14.12 19.26
N TYR D 200 -14.72 -14.39 20.56
CA TYR D 200 -13.44 -14.82 21.11
C TYR D 200 -13.01 -16.16 20.50
N ILE D 201 -13.95 -17.09 20.35
CA ILE D 201 -13.65 -18.40 19.80
C ILE D 201 -13.09 -18.26 18.38
N ALA D 202 -13.74 -17.45 17.56
CA ALA D 202 -13.33 -17.27 16.17
C ALA D 202 -11.94 -16.64 16.09
N ALA D 203 -11.71 -15.57 16.85
CA ALA D 203 -10.39 -14.94 16.88
C ALA D 203 -9.31 -15.93 17.35
N LYS D 204 -9.58 -16.68 18.44
CA LYS D 204 -8.55 -17.58 18.95
C LYS D 204 -8.28 -18.75 18.01
N HIS D 205 -9.29 -19.16 17.22
CA HIS D 205 -9.01 -20.13 16.16
C HIS D 205 -8.14 -19.49 15.09
N GLY D 206 -8.38 -18.22 14.77
CA GLY D 206 -7.53 -17.54 13.82
C GLY D 206 -6.08 -17.50 14.24
N VAL D 207 -5.84 -17.37 15.56
CA VAL D 207 -4.47 -17.30 16.07
C VAL D 207 -3.73 -18.61 15.79
N ILE D 208 -4.42 -19.75 15.89
CA ILE D 208 -3.81 -21.02 15.52
C ILE D 208 -3.44 -21.00 14.06
N GLY D 209 -4.31 -20.45 13.21
CA GLY D 209 -3.98 -20.31 11.79
C GLY D 209 -2.74 -19.45 11.58
N LEU D 210 -2.64 -18.34 12.32
CA LEU D 210 -1.44 -17.51 12.24
C LEU D 210 -0.19 -18.30 12.65
N MET D 211 -0.30 -19.06 13.74
CA MET D 211 0.85 -19.85 14.20
C MET D 211 1.32 -20.79 13.10
N ARG D 212 0.40 -21.50 12.44
CA ARG D 212 0.80 -22.49 11.44
C ARG D 212 1.37 -21.81 10.20
N ALA D 213 0.75 -20.70 9.77
CA ALA D 213 1.22 -19.99 8.58
C ALA D 213 2.60 -19.38 8.79
N PHE D 214 2.80 -18.70 9.92
CA PHE D 214 4.13 -18.20 10.26
C PHE D 214 5.14 -19.33 10.43
N ALA D 215 4.72 -20.47 11.02
CA ALA D 215 5.65 -21.58 11.23
C ALA D 215 6.15 -22.15 9.91
N VAL D 216 5.25 -22.32 8.94
CA VAL D 216 5.63 -22.80 7.61
C VAL D 216 6.53 -21.79 6.89
N GLU D 217 6.21 -20.50 6.97
CA GLU D 217 7.01 -19.53 6.21
C GLU D 217 8.34 -19.21 6.86
N LEU D 218 8.43 -19.24 8.20
CA LEU D 218 9.64 -18.84 8.90
C LEU D 218 10.54 -20.02 9.27
N GLY D 219 10.03 -21.24 9.24
CA GLY D 219 10.81 -22.43 9.47
C GLY D 219 12.13 -22.50 8.73
N PRO D 220 12.12 -22.26 7.40
CA PRO D 220 13.38 -22.31 6.64
C PRO D 220 14.46 -21.36 7.15
N HIS D 221 14.12 -20.36 7.96
CA HIS D 221 15.09 -19.46 8.58
C HIS D 221 15.39 -19.84 10.03
N MET D 222 15.05 -21.07 10.44
CA MET D 222 15.27 -21.54 11.80
C MET D 222 14.55 -20.66 12.83
N ILE D 223 13.40 -20.12 12.45
CA ILE D 223 12.52 -19.41 13.38
C ILE D 223 11.35 -20.35 13.69
N ARG D 224 11.23 -20.75 14.96
CA ARG D 224 10.10 -21.57 15.40
C ARG D 224 8.91 -20.68 15.76
N VAL D 225 7.70 -21.15 15.45
CA VAL D 225 6.46 -20.50 15.88
C VAL D 225 5.53 -21.55 16.48
N ASN D 226 5.06 -21.30 17.70
CA ASN D 226 4.17 -22.19 18.42
C ASN D 226 3.12 -21.33 19.13
N ALA D 227 2.07 -21.98 19.63
CA ALA D 227 1.04 -21.31 20.41
C ALA D 227 0.84 -22.02 21.76
N VAL D 228 0.54 -21.23 22.79
CA VAL D 228 0.09 -21.76 24.08
C VAL D 228 -1.41 -21.55 24.17
N LEU D 229 -2.11 -22.54 24.72
CA LEU D 229 -3.57 -22.55 24.79
C LEU D 229 -3.98 -22.67 26.26
N PRO D 230 -4.09 -21.57 26.98
CA PRO D 230 -4.47 -21.64 28.40
C PRO D 230 -5.93 -21.97 28.59
N THR D 231 -6.22 -22.67 29.68
CA THR D 231 -7.56 -22.64 30.26
C THR D 231 -7.67 -21.39 31.13
N GLN D 232 -8.71 -21.30 31.96
CA GLN D 232 -8.82 -20.17 32.90
C GLN D 232 -7.51 -19.97 33.67
N VAL D 233 -7.04 -18.73 33.66
CA VAL D 233 -5.86 -18.31 34.41
C VAL D 233 -6.31 -17.30 35.45
N SER D 234 -5.69 -17.34 36.63
CA SER D 234 -6.03 -16.45 37.73
C SER D 234 -5.57 -15.01 37.50
N THR D 235 -5.97 -14.39 36.39
CA THR D 235 -5.68 -12.99 36.11
C THR D 235 -6.95 -12.15 36.19
N THR D 236 -6.79 -10.84 35.98
CA THR D 236 -7.93 -9.93 36.01
C THR D 236 -8.98 -10.32 34.98
N MET D 237 -8.56 -10.91 33.86
CA MET D 237 -9.47 -11.29 32.79
C MET D 237 -10.51 -12.32 33.25
N VAL D 238 -10.19 -13.08 34.30
CA VAL D 238 -11.11 -14.05 34.87
C VAL D 238 -11.64 -13.59 36.22
N MET D 239 -10.76 -13.08 37.08
CA MET D 239 -11.15 -12.70 38.43
C MET D 239 -11.82 -11.33 38.40
N ASN D 240 -13.06 -11.32 37.93
CA ASN D 240 -13.85 -10.10 37.90
C ASN D 240 -15.33 -10.47 38.07
N ASP D 241 -16.13 -9.47 38.44
CA ASP D 241 -17.51 -9.74 38.85
C ASP D 241 -18.36 -10.22 37.68
N GLN D 242 -18.15 -9.66 36.49
CA GLN D 242 -18.95 -10.10 35.34
C GLN D 242 -18.68 -11.57 35.02
N THR D 243 -17.43 -12.02 35.18
CA THR D 243 -17.12 -13.43 34.97
C THR D 243 -17.76 -14.30 36.04
N PHE D 244 -17.76 -13.84 37.28
CA PHE D 244 -18.39 -14.61 38.36
C PHE D 244 -19.89 -14.74 38.13
N ARG D 245 -20.54 -13.64 37.75
CA ARG D 245 -21.98 -13.68 37.49
C ARG D 245 -22.31 -14.52 36.25
N LEU D 246 -21.43 -14.50 35.24
CA LEU D 246 -21.67 -15.30 34.05
C LEU D 246 -21.56 -16.79 34.35
N PHE D 247 -20.70 -17.18 35.31
CA PHE D 247 -20.56 -18.57 35.69
C PHE D 247 -21.53 -19.00 36.79
N ARG D 248 -22.03 -18.07 37.60
CA ARG D 248 -22.90 -18.40 38.73
C ARG D 248 -24.11 -17.46 38.78
N PRO D 249 -25.05 -17.60 37.84
CA PRO D 249 -26.30 -16.82 37.94
C PRO D 249 -27.10 -17.07 39.22
N ASP D 250 -26.89 -18.20 39.89
CA ASP D 250 -27.68 -18.51 41.08
C ASP D 250 -27.37 -17.57 42.24
N LEU D 251 -26.12 -17.13 42.37
CA LEU D 251 -25.71 -16.34 43.53
C LEU D 251 -25.97 -14.85 43.29
N GLU D 252 -26.03 -14.10 44.40
CA GLU D 252 -26.25 -12.65 44.31
C GLU D 252 -24.94 -11.93 43.98
N ASN D 253 -23.98 -11.97 44.90
CA ASN D 253 -22.65 -11.45 44.64
C ASN D 253 -21.66 -12.61 44.63
N PRO D 254 -21.59 -13.38 43.55
CA PRO D 254 -20.68 -14.52 43.52
C PRO D 254 -19.22 -14.06 43.54
N GLY D 255 -18.44 -14.67 44.42
CA GLY D 255 -17.02 -14.42 44.51
C GLY D 255 -16.21 -15.55 43.90
N PRO D 256 -14.89 -15.50 44.09
CA PRO D 256 -14.03 -16.54 43.48
C PRO D 256 -14.36 -17.96 43.96
N ASP D 257 -14.75 -18.10 45.23
CA ASP D 257 -15.04 -19.42 45.78
C ASP D 257 -16.30 -20.02 45.19
N ASP D 258 -17.24 -19.18 44.74
CA ASP D 258 -18.43 -19.68 44.07
C ASP D 258 -18.14 -20.00 42.62
N PHE D 259 -17.18 -19.30 42.02
CA PHE D 259 -16.81 -19.52 40.64
C PHE D 259 -15.93 -20.76 40.49
N ALA D 260 -15.02 -20.99 41.44
CA ALA D 260 -14.06 -22.08 41.35
C ALA D 260 -14.67 -23.43 41.03
N PRO D 261 -15.76 -23.88 41.69
CA PRO D 261 -16.25 -25.23 41.40
C PRO D 261 -16.80 -25.41 40.00
N ILE D 262 -17.41 -24.37 39.41
CA ILE D 262 -17.87 -24.48 38.03
C ILE D 262 -16.70 -24.54 37.07
N SER D 263 -15.71 -23.66 37.27
CA SER D 263 -14.54 -23.66 36.42
C SER D 263 -13.82 -25.01 36.49
N GLN D 264 -13.79 -25.63 37.67
CA GLN D 264 -13.09 -26.89 37.85
C GLN D 264 -13.77 -28.04 37.10
N MET D 265 -15.09 -27.99 36.94
CA MET D 265 -15.79 -29.01 36.15
C MET D 265 -15.30 -29.05 34.70
N MET D 266 -14.72 -27.97 34.20
CA MET D 266 -14.18 -27.97 32.84
C MET D 266 -12.82 -28.64 32.75
N HIS D 267 -12.27 -29.11 33.87
CA HIS D 267 -10.90 -29.60 33.93
C HIS D 267 -10.85 -31.09 34.25
N THR D 268 -9.77 -31.73 33.83
CA THR D 268 -9.46 -33.11 34.19
C THR D 268 -8.66 -33.19 35.50
N LEU D 269 -7.75 -32.27 35.70
CA LEU D 269 -7.12 -32.17 37.01
C LEU D 269 -8.03 -31.36 37.93
N PRO D 270 -8.13 -31.78 39.26
CA PRO D 270 -9.06 -31.08 40.20
C PRO D 270 -8.51 -29.75 40.70
N VAL D 271 -8.38 -28.79 39.79
CA VAL D 271 -8.00 -27.41 40.09
C VAL D 271 -8.95 -26.48 39.35
N PRO D 272 -9.28 -25.30 39.90
CA PRO D 272 -10.27 -24.45 39.24
C PRO D 272 -9.68 -23.56 38.15
N TRP D 273 -8.37 -23.36 38.15
CA TRP D 273 -7.69 -22.49 37.19
C TRP D 273 -6.19 -22.74 37.31
N VAL D 274 -5.44 -22.24 36.35
CA VAL D 274 -3.98 -22.25 36.42
C VAL D 274 -3.48 -20.83 36.69
N ASP D 275 -2.20 -20.72 37.04
CA ASP D 275 -1.60 -19.42 37.34
C ASP D 275 -0.81 -18.92 36.14
N ALA D 276 -0.57 -17.61 36.14
CA ALA D 276 0.24 -17.00 35.09
C ALA D 276 1.61 -17.67 35.02
N SER D 277 2.18 -18.01 36.16
CA SER D 277 3.47 -18.71 36.18
C SER D 277 3.41 -20.02 35.40
N ASP D 278 2.26 -20.71 35.39
CA ASP D 278 2.13 -21.92 34.59
C ASP D 278 2.25 -21.63 33.11
N ILE D 279 1.65 -20.53 32.64
CA ILE D 279 1.81 -20.18 31.23
C ILE D 279 3.25 -19.75 30.96
N SER D 280 3.86 -19.01 31.89
CA SER D 280 5.23 -18.54 31.68
C SER D 280 6.24 -19.69 31.60
N ASN D 281 6.04 -20.75 32.38
CA ASN D 281 6.94 -21.89 32.27
C ASN D 281 6.82 -22.54 30.89
N ALA D 282 5.61 -22.63 30.35
CA ALA D 282 5.44 -23.17 29.01
C ALA D 282 6.07 -22.27 27.97
N VAL D 283 5.92 -20.95 28.13
CA VAL D 283 6.55 -19.99 27.21
C VAL D 283 8.07 -20.09 27.29
N LEU D 284 8.61 -20.19 28.50
CA LEU D 284 10.06 -20.31 28.66
C LEU D 284 10.59 -21.55 27.93
N PHE D 285 9.90 -22.68 28.05
CA PHE D 285 10.30 -23.87 27.32
C PHE D 285 10.37 -23.61 25.81
N LEU D 286 9.28 -23.05 25.25
CA LEU D 286 9.23 -22.78 23.81
C LEU D 286 10.26 -21.74 23.37
N ALA D 287 10.60 -20.78 24.25
CA ALA D 287 11.56 -19.74 23.91
C ALA D 287 13.01 -20.21 24.00
N SER D 288 13.30 -21.18 24.85
CA SER D 288 14.67 -21.61 25.09
C SER D 288 15.12 -22.64 24.05
N ASP D 289 16.44 -22.79 23.96
CA ASP D 289 17.05 -23.80 23.10
C ASP D 289 16.65 -25.22 23.48
N GLU D 290 16.05 -25.42 24.66
CA GLU D 290 15.52 -26.73 25.02
C GLU D 290 14.38 -27.18 24.10
N SER D 291 13.78 -26.26 23.34
CA SER D 291 12.76 -26.60 22.36
C SER D 291 13.22 -26.26 20.94
N ARG D 292 14.53 -26.34 20.70
CA ARG D 292 15.11 -25.82 19.47
C ARG D 292 14.53 -26.44 18.19
N TYR D 293 13.99 -27.66 18.25
CA TYR D 293 13.38 -28.27 17.07
C TYR D 293 11.86 -28.45 17.20
N VAL D 294 11.22 -27.67 18.08
CA VAL D 294 9.79 -27.73 18.29
C VAL D 294 9.16 -26.55 17.55
N THR D 295 8.33 -26.81 16.55
CA THR D 295 7.66 -25.74 15.84
C THR D 295 6.32 -26.24 15.31
N GLY D 296 5.38 -25.31 15.16
CA GLY D 296 4.07 -25.64 14.65
C GLY D 296 3.14 -26.29 15.67
N VAL D 297 3.45 -26.16 16.95
CA VAL D 297 2.78 -26.94 18.00
C VAL D 297 1.77 -26.04 18.73
N SER D 298 0.57 -26.57 18.97
CA SER D 298 -0.39 -25.96 19.89
C SER D 298 -0.20 -26.63 21.24
N LEU D 299 0.37 -25.90 22.20
CA LEU D 299 0.67 -26.50 23.49
C LEU D 299 -0.37 -26.03 24.51
N PRO D 300 -1.33 -26.87 24.91
CA PRO D 300 -2.30 -26.44 25.93
C PRO D 300 -1.69 -26.44 27.33
N VAL D 301 -1.98 -25.40 28.09
CA VAL D 301 -1.71 -25.43 29.53
C VAL D 301 -3.07 -25.32 30.20
N ASP D 302 -3.81 -26.44 30.26
CA ASP D 302 -5.26 -26.40 30.36
C ASP D 302 -5.86 -27.34 31.38
N ALA D 303 -5.06 -27.92 32.28
CA ALA D 303 -5.55 -28.82 33.32
C ALA D 303 -6.40 -29.97 32.75
N GLY D 304 -6.15 -30.36 31.48
CA GLY D 304 -6.92 -31.39 30.82
C GLY D 304 -8.27 -30.97 30.26
N SER D 305 -8.48 -29.67 30.02
CA SER D 305 -9.76 -29.19 29.48
CA SER D 305 -9.77 -29.22 29.50
C SER D 305 -10.10 -29.88 28.16
N LEU D 306 -9.11 -29.99 27.27
CA LEU D 306 -9.34 -30.53 25.93
C LEU D 306 -9.48 -32.05 25.90
N LEU D 307 -9.42 -32.72 27.04
CA LEU D 307 -9.74 -34.14 27.11
C LEU D 307 -11.24 -34.40 27.20
N LYS D 308 -12.03 -33.37 27.53
CA LYS D 308 -13.47 -33.55 27.68
C LYS D 308 -14.15 -33.88 26.33
#